data_8BHH
#
_entry.id   8BHH
#
_cell.length_a   67.704
_cell.length_b   89.637
_cell.length_c   116.978
_cell.angle_alpha   90.00
_cell.angle_beta   103.99
_cell.angle_gamma   90.00
#
_symmetry.space_group_name_H-M   'P 1 21 1'
#
loop_
_entity.id
_entity.type
_entity.pdbx_description
1 polymer 'Carboxylic ester hydrolase'
2 branched alpha-D-mannopyranose-(1-2)-alpha-D-mannopyranose-(1-2)-alpha-D-mannopyranose-(1-3)-[alpha-D-mannopyranose-(1-2)-alpha-D-mannopyranose-(1-6)-[alpha-D-mannopyranose-(1-3)]alpha-D-mannopyranose-(1-6)]beta-D-mannopyranose-(1-4)-2-acetamido-2-deoxy-beta-D-glucopyranose-(1-4)-2-acetamido-2-deoxy-beta-D-glucopyranose
3 branched alpha-D-mannopyranose-(1-2)-alpha-D-mannopyranose-(1-6)-alpha-D-mannopyranose-(1-6)-beta-D-mannopyranose-(1-4)-2-acetamido-2-deoxy-beta-D-glucopyranose-(1-4)-2-acetamido-2-deoxy-beta-D-glucopyranose
4 non-polymer "4'-HYDROXYCINNAMIC ACID"
5 non-polymer 2-acetamido-2-deoxy-beta-D-glucopyranose
6 non-polymer 1,2-ETHANEDIOL
7 non-polymer 'CALCIUM ION'
8 non-polymer 'TETRAETHYLENE GLYCOL'
9 non-polymer 'HEXAETHYLENE GLYCOL'
10 non-polymer DI(HYDROXYETHYL)ETHER
11 water water
#
_entity_poly.entity_id   1
_entity_poly.type   'polypeptide(L)'
_entity_poly.pdbx_seq_one_letter_code
;DFAAKCAGFKTSLKLPNTKVWFTEHVPAGKNITFPDNHPTCTPKSTITDVEICRVAMFVTTGPKSNLTLEAWLPSNWTGR
FLSTGNGGMAGCIQYDDVAYGAGFGFATVGANNGHNGTSAVSMYKNSGVVEDYVYRSVHTGTVLGKELTKKFYGKKHTKS
YYLGCSTGGRQGWKEAQSFPDDFDGIVAGAPAMRFNGLQSRSGSFWGITGPPGAPTHLSPEEWAMVQKNVLVQCDEPLDG
VADGILEDPNLCQYRPEALVCSKGQTKNCLTGPQIETVRKVFGPLYGNNGTYIYPRIPPGADQGFGFAIGEQPFPYSTEW
FQYVIWNDTKWDPNTIGPNDYQKASEVNPFNVETWEGDLSKFRKRGSKIIHWHGLEDGLISSDNSMEYYNHVSATMGLSN
TELDEFYRYFRVSGCGHCSGGIGANRIGNNRANLGGKEAKNNVLLALVKWVEEGQAPETITGVRYVNGATTGKVEVERRH
CRYPYRNVWDRKGNYKNPDSWKCELPLE
;
_entity_poly.pdbx_strand_id   A,B
#
# COMPACT_ATOMS: atom_id res chain seq x y z
N CYS A 6 33.89 -46.47 8.91
CA CYS A 6 33.92 -45.01 9.21
C CYS A 6 35.38 -44.59 9.22
N ALA A 7 36.16 -45.15 10.14
CA ALA A 7 37.63 -44.98 10.24
C ALA A 7 38.26 -45.17 8.84
N GLY A 8 37.81 -46.21 8.12
CA GLY A 8 38.33 -46.68 6.83
C GLY A 8 37.80 -45.89 5.66
N PHE A 9 36.56 -45.39 5.76
CA PHE A 9 35.92 -44.51 4.74
C PHE A 9 36.89 -43.37 4.40
N LYS A 10 37.64 -42.87 5.40
CA LYS A 10 38.64 -41.79 5.23
C LYS A 10 39.44 -41.97 3.93
N THR A 11 39.76 -43.23 3.58
CA THR A 11 40.73 -43.60 2.50
C THR A 11 39.98 -44.21 1.31
N SER A 12 38.89 -44.96 1.53
CA SER A 12 38.09 -45.61 0.47
C SER A 12 37.27 -44.57 -0.32
N LEU A 13 36.73 -43.53 0.33
CA LEU A 13 35.89 -42.51 -0.35
C LEU A 13 36.73 -41.71 -1.37
N LYS A 14 36.37 -41.84 -2.64
CA LYS A 14 37.01 -41.07 -3.73
C LYS A 14 35.89 -40.34 -4.45
N LEU A 15 35.83 -39.03 -4.27
CA LEU A 15 34.86 -38.15 -4.97
C LEU A 15 35.61 -37.21 -5.89
N PRO A 16 35.02 -36.89 -7.06
CA PRO A 16 35.65 -35.99 -8.03
C PRO A 16 35.95 -34.63 -7.40
N ASN A 17 37.19 -34.16 -7.55
CA ASN A 17 37.64 -32.81 -7.18
C ASN A 17 37.58 -32.63 -5.67
N THR A 18 37.61 -33.72 -4.90
CA THR A 18 37.37 -33.69 -3.44
C THR A 18 38.54 -34.31 -2.69
N LYS A 19 39.02 -33.65 -1.64
CA LYS A 19 40.00 -34.19 -0.67
C LYS A 19 39.24 -34.52 0.61
N VAL A 20 39.22 -35.78 1.03
CA VAL A 20 38.66 -36.16 2.37
C VAL A 20 39.73 -35.91 3.41
N TRP A 21 39.59 -34.88 4.26
CA TRP A 21 40.55 -34.54 5.33
C TRP A 21 40.51 -35.62 6.40
N PHE A 22 39.32 -36.01 6.78
CA PHE A 22 39.18 -36.91 7.94
C PHE A 22 37.78 -37.46 7.96
N THR A 23 37.66 -38.47 8.80
CA THR A 23 36.44 -39.17 9.16
C THR A 23 36.47 -39.19 10.68
N GLU A 24 35.37 -39.50 11.32
CA GLU A 24 35.26 -39.39 12.79
C GLU A 24 33.99 -40.11 13.21
N HIS A 25 34.17 -41.22 13.93
CA HIS A 25 33.12 -41.82 14.79
C HIS A 25 32.83 -40.82 15.90
N VAL A 26 31.54 -40.47 16.09
CA VAL A 26 30.99 -39.62 17.19
C VAL A 26 29.74 -40.30 17.72
N PRO A 27 29.66 -40.61 19.04
CA PRO A 27 28.48 -41.28 19.62
C PRO A 27 27.43 -40.27 20.06
N ALA A 28 26.17 -40.73 20.13
CA ALA A 28 25.04 -39.97 20.72
C ALA A 28 25.53 -39.31 22.01
N GLY A 29 25.30 -38.00 22.14
CA GLY A 29 25.54 -37.24 23.37
C GLY A 29 26.68 -36.25 23.26
N LYS A 30 27.67 -36.49 22.36
CA LYS A 30 28.98 -35.77 22.38
C LYS A 30 28.86 -34.31 21.90
N ASN A 31 29.47 -33.39 22.65
CA ASN A 31 29.73 -31.96 22.32
C ASN A 31 30.83 -31.91 21.25
N ILE A 32 30.47 -32.14 19.97
CA ILE A 32 31.36 -31.92 18.78
C ILE A 32 31.79 -30.46 18.77
N THR A 33 33.07 -30.20 18.56
CA THR A 33 33.71 -28.87 18.73
C THR A 33 34.32 -28.54 17.36
N PHE A 34 34.39 -27.27 16.97
CA PHE A 34 34.80 -26.85 15.60
C PHE A 34 35.99 -25.93 15.67
N PRO A 35 37.16 -26.45 16.09
CA PRO A 35 38.29 -25.58 16.42
C PRO A 35 38.83 -24.83 15.19
N ASP A 36 38.58 -25.34 13.99
CA ASP A 36 39.03 -24.66 12.73
C ASP A 36 37.93 -23.77 12.13
N ASN A 37 36.80 -23.58 12.81
CA ASN A 37 35.67 -22.78 12.30
C ASN A 37 36.19 -21.35 12.26
N HIS A 38 35.84 -20.57 11.23
CA HIS A 38 36.29 -19.15 11.17
C HIS A 38 35.91 -18.51 12.49
N PRO A 39 36.69 -17.55 13.03
CA PRO A 39 36.30 -16.85 14.25
C PRO A 39 34.87 -16.27 14.28
N THR A 40 34.38 -15.74 13.14
CA THR A 40 33.05 -15.08 12.99
C THR A 40 31.95 -16.14 12.87
N CYS A 41 32.30 -17.40 12.68
CA CYS A 41 31.28 -18.45 12.46
C CYS A 41 30.71 -18.95 13.78
N THR A 42 29.48 -19.46 13.70
CA THR A 42 28.63 -19.84 14.84
C THR A 42 27.97 -21.15 14.44
N PRO A 43 27.75 -22.12 15.37
CA PRO A 43 28.25 -22.02 16.76
C PRO A 43 29.67 -22.61 16.87
N LYS A 44 30.26 -22.64 18.06
CA LYS A 44 31.64 -23.18 18.25
C LYS A 44 31.58 -24.67 18.59
N SER A 45 30.38 -25.16 18.88
CA SER A 45 30.11 -26.61 19.10
C SER A 45 28.62 -26.86 18.90
N THR A 46 28.23 -28.13 18.83
CA THR A 46 26.82 -28.60 18.76
C THR A 46 26.79 -30.05 19.26
N ILE A 47 25.70 -30.44 19.92
CA ILE A 47 25.44 -31.82 20.41
C ILE A 47 24.87 -32.64 19.24
N THR A 48 25.33 -33.87 19.02
CA THR A 48 24.64 -34.88 18.17
C THR A 48 23.88 -35.80 19.11
N ASP A 49 22.57 -36.00 18.90
CA ASP A 49 21.68 -36.77 19.80
C ASP A 49 21.79 -38.25 19.41
N VAL A 50 22.44 -38.52 18.29
CA VAL A 50 22.59 -39.86 17.66
C VAL A 50 24.05 -40.08 17.26
N GLU A 51 24.38 -41.34 16.97
CA GLU A 51 25.76 -41.78 16.65
C GLU A 51 26.01 -41.53 15.16
N ILE A 52 27.10 -40.85 14.80
CA ILE A 52 27.34 -40.52 13.37
C ILE A 52 28.78 -40.87 12.93
N CYS A 53 28.98 -40.94 11.62
CA CYS A 53 30.31 -40.73 10.98
C CYS A 53 30.40 -39.29 10.44
N ARG A 54 31.18 -38.43 11.09
CA ARG A 54 31.44 -37.05 10.61
C ARG A 54 32.54 -37.12 9.53
N VAL A 55 32.19 -36.80 8.27
CA VAL A 55 33.14 -36.72 7.11
C VAL A 55 33.39 -35.24 6.76
N ALA A 56 34.63 -34.79 6.86
CA ALA A 56 35.04 -33.41 6.52
C ALA A 56 35.84 -33.43 5.22
N MET A 57 35.31 -32.78 4.16
CA MET A 57 35.93 -32.66 2.81
C MET A 57 36.32 -31.23 2.46
N PHE A 58 37.22 -31.14 1.48
CA PHE A 58 37.56 -29.91 0.74
C PHE A 58 37.23 -30.20 -0.72
N VAL A 59 36.52 -29.27 -1.37
CA VAL A 59 36.03 -29.47 -2.76
C VAL A 59 36.47 -28.30 -3.61
N THR A 60 37.18 -28.56 -4.71
N THR A 60 37.21 -28.57 -4.68
CA THR A 60 37.65 -27.49 -5.64
CA THR A 60 37.60 -27.52 -5.65
C THR A 60 36.53 -27.31 -6.69
C THR A 60 36.38 -27.33 -6.56
N THR A 61 36.03 -26.07 -6.81
CA THR A 61 34.91 -25.74 -7.72
C THR A 61 35.50 -25.05 -8.95
N GLY A 62 36.76 -24.63 -8.89
CA GLY A 62 37.48 -23.94 -9.98
C GLY A 62 38.90 -23.56 -9.55
N PRO A 63 39.67 -22.93 -10.47
CA PRO A 63 41.06 -22.51 -10.19
C PRO A 63 41.26 -21.77 -8.86
N LYS A 64 40.32 -20.91 -8.43
CA LYS A 64 40.42 -20.13 -7.18
C LYS A 64 39.09 -20.17 -6.41
N SER A 65 38.32 -21.24 -6.50
CA SER A 65 37.11 -21.34 -5.66
C SER A 65 36.96 -22.77 -5.17
N ASN A 66 36.37 -22.92 -3.99
CA ASN A 66 36.35 -24.21 -3.27
C ASN A 66 35.34 -24.15 -2.12
N LEU A 67 34.82 -25.31 -1.71
CA LEU A 67 33.92 -25.46 -0.56
C LEU A 67 34.65 -26.24 0.56
N THR A 68 34.15 -26.09 1.76
CA THR A 68 34.27 -27.10 2.82
C THR A 68 32.88 -27.70 2.94
N LEU A 69 32.80 -29.01 2.86
CA LEU A 69 31.56 -29.79 2.93
C LEU A 69 31.73 -30.72 4.11
N GLU A 70 30.69 -30.92 4.90
CA GLU A 70 30.69 -32.07 5.83
C GLU A 70 29.46 -32.87 5.51
N ALA A 71 29.56 -34.17 5.75
CA ALA A 71 28.48 -35.15 5.80
C ALA A 71 28.48 -35.71 7.21
N TRP A 72 27.35 -35.70 7.88
CA TRP A 72 27.15 -36.41 9.17
C TRP A 72 26.23 -37.59 8.88
N LEU A 73 26.76 -38.82 9.00
CA LEU A 73 26.06 -40.05 8.54
C LEU A 73 25.68 -40.89 9.75
N PRO A 74 24.38 -40.98 10.05
CA PRO A 74 23.94 -41.70 11.24
C PRO A 74 24.08 -43.22 11.10
N SER A 75 24.50 -43.89 12.18
CA SER A 75 24.48 -45.38 12.30
C SER A 75 23.05 -45.89 12.03
N ASN A 76 22.02 -45.29 12.65
CA ASN A 76 20.61 -45.59 12.31
C ASN A 76 20.11 -44.66 11.17
N TRP A 77 20.18 -45.13 9.92
CA TRP A 77 19.85 -44.39 8.68
C TRP A 77 18.47 -44.77 8.16
N THR A 78 17.58 -43.78 8.00
CA THR A 78 16.20 -43.95 7.47
C THR A 78 16.25 -44.22 5.96
N GLY A 79 17.37 -43.98 5.31
CA GLY A 79 17.40 -43.99 3.84
C GLY A 79 17.34 -42.57 3.29
N ARG A 80 17.06 -41.57 4.14
CA ARG A 80 16.81 -40.19 3.64
C ARG A 80 18.10 -39.41 3.54
N PHE A 81 18.17 -38.52 2.54
CA PHE A 81 19.26 -37.52 2.41
C PHE A 81 18.64 -36.13 2.63
N LEU A 82 19.34 -35.32 3.41
CA LEU A 82 19.04 -33.91 3.70
C LEU A 82 20.24 -33.03 3.32
N SER A 83 20.03 -31.96 2.53
CA SER A 83 21.02 -30.86 2.45
C SER A 83 20.55 -29.72 3.38
N THR A 84 21.52 -29.07 4.02
CA THR A 84 21.36 -27.80 4.75
C THR A 84 21.96 -26.69 3.87
N GLY A 85 21.82 -25.46 4.35
CA GLY A 85 22.21 -24.24 3.63
C GLY A 85 22.79 -23.29 4.63
N ASN A 86 22.84 -22.02 4.23
CA ASN A 86 23.70 -21.01 4.88
C ASN A 86 22.87 -19.84 5.45
N GLY A 87 23.55 -18.80 5.91
CA GLY A 87 23.01 -17.55 6.47
C GLY A 87 23.82 -16.34 6.06
N GLY A 88 23.15 -15.22 5.89
CA GLY A 88 23.81 -13.94 5.62
C GLY A 88 24.66 -14.01 4.37
N MET A 89 25.83 -13.43 4.47
CA MET A 89 26.88 -13.48 3.45
C MET A 89 27.89 -14.57 3.79
N ALA A 90 27.51 -15.55 4.62
CA ALA A 90 28.45 -16.60 5.07
C ALA A 90 28.34 -17.82 4.17
N GLY A 91 29.32 -18.74 4.24
CA GLY A 91 30.59 -18.61 4.98
C GLY A 91 30.74 -19.61 6.14
N CYS A 92 29.66 -20.26 6.57
CA CYS A 92 29.64 -21.07 7.83
C CYS A 92 28.68 -22.22 7.59
N ILE A 93 29.12 -23.43 7.88
CA ILE A 93 28.23 -24.61 7.87
C ILE A 93 27.26 -24.45 9.04
N GLN A 94 25.97 -24.71 8.83
CA GLN A 94 24.94 -24.59 9.90
C GLN A 94 24.96 -25.93 10.65
N TYR A 95 25.97 -26.12 11.48
CA TYR A 95 26.16 -27.39 12.23
C TYR A 95 24.93 -27.79 13.06
N ASP A 96 24.21 -26.84 13.65
CA ASP A 96 22.99 -27.14 14.45
C ASP A 96 21.93 -27.79 13.55
N ASP A 97 21.78 -27.32 12.30
CA ASP A 97 20.87 -27.89 11.28
C ASP A 97 21.40 -29.26 10.84
N VAL A 98 22.72 -29.38 10.69
CA VAL A 98 23.30 -30.68 10.27
C VAL A 98 22.99 -31.68 11.41
N ALA A 99 23.16 -31.29 12.67
CA ALA A 99 22.89 -32.16 13.85
C ALA A 99 21.40 -32.49 13.89
N TYR A 100 20.55 -31.46 13.71
CA TYR A 100 19.07 -31.61 13.62
C TYR A 100 18.71 -32.74 12.64
N GLY A 101 19.24 -32.67 11.42
CA GLY A 101 19.03 -33.67 10.35
C GLY A 101 19.48 -35.07 10.77
N ALA A 102 20.73 -35.20 11.16
CA ALA A 102 21.30 -36.50 11.61
C ALA A 102 20.37 -37.10 12.69
N GLY A 103 19.95 -36.29 13.66
CA GLY A 103 19.13 -36.68 14.83
C GLY A 103 17.85 -37.41 14.45
N PHE A 104 17.34 -37.15 13.25
CA PHE A 104 16.11 -37.77 12.68
C PHE A 104 16.50 -38.92 11.73
N GLY A 105 17.78 -39.32 11.70
CA GLY A 105 18.28 -40.39 10.82
C GLY A 105 18.43 -39.98 9.36
N PHE A 106 18.46 -38.69 9.02
CA PHE A 106 18.85 -38.24 7.66
C PHE A 106 20.36 -38.29 7.53
N ALA A 107 20.87 -38.79 6.41
CA ALA A 107 22.28 -38.58 6.08
C ALA A 107 22.39 -37.10 5.69
N THR A 108 23.06 -36.29 6.51
CA THR A 108 22.95 -34.82 6.38
C THR A 108 24.27 -34.19 5.94
N VAL A 109 24.18 -33.31 4.92
CA VAL A 109 25.35 -32.53 4.46
C VAL A 109 25.14 -31.04 4.71
N GLY A 110 26.26 -30.34 4.72
CA GLY A 110 26.30 -28.87 4.77
C GLY A 110 27.64 -28.39 4.28
N ALA A 111 27.66 -27.36 3.45
CA ALA A 111 28.90 -26.71 2.97
C ALA A 111 28.89 -25.27 3.45
N ASN A 112 30.03 -24.63 3.31
CA ASN A 112 30.29 -23.28 3.85
C ASN A 112 29.91 -22.22 2.81
N ASN A 113 29.35 -22.61 1.65
CA ASN A 113 28.82 -21.64 0.65
C ASN A 113 29.97 -21.03 -0.15
N GLY A 114 31.20 -21.56 -0.03
CA GLY A 114 32.32 -21.14 -0.87
C GLY A 114 33.35 -20.19 -0.30
N HIS A 115 33.29 -19.84 0.97
CA HIS A 115 34.30 -19.00 1.64
C HIS A 115 34.12 -19.29 3.13
N ASN A 116 35.05 -18.84 3.95
CA ASN A 116 34.96 -18.94 5.43
C ASN A 116 34.64 -17.60 6.03
N GLY A 117 33.63 -17.57 6.89
CA GLY A 117 33.30 -16.42 7.71
C GLY A 117 32.20 -15.54 7.11
N THR A 118 31.82 -14.55 7.88
CA THR A 118 30.55 -13.80 7.71
C THR A 118 30.74 -12.65 6.72
N SER A 119 31.97 -12.42 6.29
CA SER A 119 32.29 -11.34 5.32
C SER A 119 32.23 -11.91 3.90
N ALA A 120 31.77 -11.10 2.94
CA ALA A 120 31.80 -11.45 1.50
C ALA A 120 33.05 -10.86 0.83
N VAL A 121 34.05 -10.39 1.59
CA VAL A 121 35.29 -9.78 1.01
C VAL A 121 35.97 -10.76 0.02
N SER A 122 35.87 -12.07 0.24
CA SER A 122 36.48 -13.07 -0.68
C SER A 122 35.79 -13.02 -2.04
N MET A 123 34.58 -12.46 -2.11
CA MET A 123 33.89 -12.39 -3.42
C MET A 123 34.54 -11.34 -4.34
N TYR A 124 35.29 -10.40 -3.77
CA TYR A 124 35.82 -9.25 -4.53
C TYR A 124 36.76 -9.76 -5.63
N LYS A 125 36.50 -9.43 -6.90
CA LYS A 125 37.37 -9.86 -8.03
C LYS A 125 37.47 -11.39 -8.08
N ASN A 126 36.45 -12.12 -7.63
CA ASN A 126 36.46 -13.61 -7.62
C ASN A 126 35.03 -14.12 -7.86
N SER A 127 34.65 -14.22 -9.13
CA SER A 127 33.30 -14.63 -9.53
C SER A 127 33.09 -16.11 -9.19
N GLY A 128 34.15 -16.92 -9.10
CA GLY A 128 33.94 -18.34 -8.73
C GLY A 128 33.45 -18.45 -7.28
N VAL A 129 33.95 -17.60 -6.39
CA VAL A 129 33.47 -17.54 -4.98
C VAL A 129 32.02 -17.02 -4.94
N VAL A 130 31.69 -16.07 -5.83
CA VAL A 130 30.27 -15.59 -6.00
C VAL A 130 29.40 -16.76 -6.48
N GLU A 131 29.86 -17.50 -7.48
CA GLU A 131 29.11 -18.61 -8.10
C GLU A 131 28.78 -19.68 -7.04
N ASP A 132 29.72 -19.93 -6.12
CA ASP A 132 29.51 -20.96 -5.06
C ASP A 132 28.44 -20.43 -4.10
N TYR A 133 28.48 -19.13 -3.81
CA TYR A 133 27.48 -18.46 -2.93
C TYR A 133 26.09 -18.55 -3.57
N VAL A 134 26.01 -18.24 -4.85
CA VAL A 134 24.67 -18.09 -5.52
C VAL A 134 24.00 -19.45 -5.63
N TYR A 135 24.70 -20.48 -6.14
CA TYR A 135 24.05 -21.79 -6.42
C TYR A 135 25.01 -22.98 -6.26
N ARG A 136 26.30 -22.80 -6.55
CA ARG A 136 27.19 -23.97 -6.86
C ARG A 136 27.57 -24.74 -5.58
N SER A 137 27.58 -24.10 -4.41
CA SER A 137 27.92 -24.74 -3.11
C SER A 137 26.82 -25.73 -2.71
N VAL A 138 25.55 -25.29 -2.65
CA VAL A 138 24.44 -26.18 -2.20
C VAL A 138 24.29 -27.30 -3.22
N HIS A 139 24.34 -26.96 -4.52
CA HIS A 139 24.12 -27.93 -5.61
C HIS A 139 25.18 -29.05 -5.52
N THR A 140 26.45 -28.65 -5.49
CA THR A 140 27.64 -29.53 -5.51
C THR A 140 27.63 -30.40 -4.25
N GLY A 141 27.33 -29.78 -3.11
CA GLY A 141 27.17 -30.50 -1.83
C GLY A 141 26.12 -31.59 -1.92
N THR A 142 25.09 -31.39 -2.75
CA THR A 142 23.95 -32.33 -2.85
C THR A 142 24.39 -33.51 -3.74
N VAL A 143 25.06 -33.21 -4.86
CA VAL A 143 25.56 -34.22 -5.83
C VAL A 143 26.50 -35.19 -5.08
N LEU A 144 27.55 -34.67 -4.42
CA LEU A 144 28.63 -35.39 -3.69
C LEU A 144 28.05 -36.04 -2.44
N GLY A 145 27.25 -35.30 -1.68
CA GLY A 145 26.38 -35.82 -0.61
C GLY A 145 25.72 -37.12 -1.02
N LYS A 146 24.99 -37.12 -2.13
CA LYS A 146 24.22 -38.30 -2.57
C LYS A 146 25.18 -39.45 -2.92
N GLU A 147 26.30 -39.13 -3.57
CA GLU A 147 27.38 -40.05 -4.03
C GLU A 147 27.98 -40.76 -2.81
N LEU A 148 28.42 -40.00 -1.83
CA LEU A 148 29.13 -40.56 -0.65
C LEU A 148 28.13 -41.28 0.24
N THR A 149 26.85 -40.90 0.22
CA THR A 149 25.80 -41.55 1.04
C THR A 149 25.66 -42.98 0.51
N LYS A 150 25.59 -43.12 -0.82
CA LYS A 150 25.60 -44.41 -1.58
C LYS A 150 26.81 -45.25 -1.15
N LYS A 151 28.02 -44.69 -1.20
CA LYS A 151 29.29 -45.40 -0.98
C LYS A 151 29.41 -45.83 0.49
N PHE A 152 28.83 -45.08 1.43
CA PHE A 152 28.99 -45.44 2.86
C PHE A 152 27.97 -46.53 3.23
N TYR A 153 26.75 -46.52 2.70
CA TYR A 153 25.64 -47.37 3.21
C TYR A 153 25.46 -48.60 2.31
N GLY A 154 25.99 -48.55 1.09
CA GLY A 154 25.90 -49.65 0.12
C GLY A 154 24.62 -49.60 -0.70
N LYS A 155 23.74 -48.61 -0.46
CA LYS A 155 22.63 -48.35 -1.41
C LYS A 155 22.32 -46.84 -1.46
N LYS A 156 21.55 -46.50 -2.48
CA LYS A 156 21.04 -45.17 -2.87
C LYS A 156 20.05 -44.66 -1.80
N HIS A 157 20.09 -43.37 -1.47
CA HIS A 157 19.07 -42.72 -0.61
C HIS A 157 17.69 -43.00 -1.19
N THR A 158 16.63 -42.99 -0.36
CA THR A 158 15.23 -43.14 -0.82
C THR A 158 14.67 -41.80 -1.36
N LYS A 159 14.69 -40.76 -0.52
CA LYS A 159 14.11 -39.43 -0.87
C LYS A 159 15.14 -38.35 -0.52
N SER A 160 15.19 -37.26 -1.29
CA SER A 160 16.19 -36.16 -1.14
C SER A 160 15.50 -34.89 -0.60
N TYR A 161 15.93 -34.32 0.52
CA TYR A 161 15.30 -33.18 1.24
C TYR A 161 16.30 -32.04 1.37
N TYR A 162 15.77 -30.81 1.37
CA TYR A 162 16.53 -29.59 1.72
C TYR A 162 15.79 -28.83 2.82
N LEU A 163 16.56 -28.29 3.75
CA LEU A 163 16.06 -27.48 4.88
C LEU A 163 16.96 -26.23 4.96
N GLY A 164 16.39 -25.04 4.85
CA GLY A 164 17.20 -23.82 4.99
C GLY A 164 16.31 -22.60 5.27
N CYS A 165 16.91 -21.53 5.75
CA CYS A 165 16.18 -20.32 6.20
C CYS A 165 17.03 -19.10 5.86
N SER A 166 16.36 -18.07 5.36
CA SER A 166 16.92 -16.72 5.03
C SER A 166 17.78 -16.86 3.79
N THR A 167 19.08 -16.71 3.87
CA THR A 167 19.96 -17.06 2.74
C THR A 167 19.62 -18.51 2.36
N GLY A 168 19.47 -19.37 3.38
CA GLY A 168 19.19 -20.80 3.16
C GLY A 168 17.82 -21.01 2.52
N GLY A 169 16.90 -20.09 2.77
CA GLY A 169 15.60 -20.15 2.09
C GLY A 169 15.74 -19.74 0.64
N ARG A 170 16.58 -18.73 0.32
CA ARG A 170 16.86 -18.39 -1.09
C ARG A 170 17.49 -19.60 -1.80
N GLN A 171 18.46 -20.22 -1.13
CA GLN A 171 19.17 -21.44 -1.65
C GLN A 171 18.13 -22.53 -1.95
N GLY A 172 17.15 -22.79 -1.04
CA GLY A 172 16.05 -23.78 -1.29
C GLY A 172 15.32 -23.44 -2.58
N TRP A 173 15.03 -22.15 -2.78
CA TRP A 173 14.23 -21.72 -3.96
C TRP A 173 15.11 -21.81 -5.20
N LYS A 174 16.38 -21.49 -5.10
CA LYS A 174 17.32 -21.62 -6.24
C LYS A 174 17.29 -23.09 -6.73
N GLU A 175 17.23 -24.03 -5.79
CA GLU A 175 17.12 -25.49 -6.09
C GLU A 175 15.78 -25.77 -6.79
N ALA A 176 14.62 -25.40 -6.21
CA ALA A 176 13.31 -25.68 -6.86
C ALA A 176 13.27 -25.06 -8.26
N GLN A 177 13.80 -23.85 -8.39
CA GLN A 177 13.72 -23.06 -9.65
C GLN A 177 14.66 -23.65 -10.71
N SER A 178 15.91 -23.90 -10.35
CA SER A 178 17.00 -24.09 -11.34
C SER A 178 17.67 -25.47 -11.24
N PHE A 179 17.42 -26.24 -10.17
CA PHE A 179 18.02 -27.59 -9.97
C PHE A 179 16.91 -28.51 -9.47
N PRO A 180 15.79 -28.56 -10.20
CA PRO A 180 14.58 -29.20 -9.68
C PRO A 180 14.72 -30.67 -9.30
N ASP A 181 15.70 -31.40 -9.86
CA ASP A 181 15.92 -32.85 -9.61
C ASP A 181 16.73 -33.06 -8.33
N ASP A 182 17.33 -32.01 -7.76
CA ASP A 182 18.20 -32.23 -6.59
C ASP A 182 17.34 -32.78 -5.45
N PHE A 183 16.12 -32.27 -5.29
CA PHE A 183 15.32 -32.51 -4.07
C PHE A 183 13.91 -32.91 -4.46
N ASP A 184 13.43 -33.88 -3.71
CA ASP A 184 12.01 -34.33 -3.80
C ASP A 184 11.12 -33.49 -2.86
N GLY A 185 11.71 -33.02 -1.75
CA GLY A 185 11.10 -32.12 -0.72
C GLY A 185 12.03 -30.97 -0.33
N ILE A 186 11.49 -29.77 -0.18
CA ILE A 186 12.26 -28.54 0.22
C ILE A 186 11.44 -27.81 1.31
N VAL A 187 12.05 -27.50 2.43
CA VAL A 187 11.53 -26.45 3.36
C VAL A 187 12.34 -25.18 3.11
N ALA A 188 11.71 -24.12 2.63
CA ALA A 188 12.44 -22.84 2.39
C ALA A 188 11.85 -21.76 3.30
N GLY A 189 12.59 -21.37 4.35
CA GLY A 189 12.17 -20.41 5.38
C GLY A 189 12.60 -18.97 5.04
N ALA A 190 11.74 -17.98 5.29
CA ALA A 190 12.10 -16.53 5.29
C ALA A 190 13.09 -16.22 4.18
N PRO A 191 12.82 -16.66 2.93
CA PRO A 191 13.85 -16.69 1.90
C PRO A 191 14.36 -15.33 1.46
N ALA A 192 15.66 -15.21 1.33
CA ALA A 192 16.36 -13.99 0.84
C ALA A 192 16.24 -13.92 -0.68
N MET A 193 15.11 -14.38 -1.23
CA MET A 193 14.86 -14.36 -2.71
C MET A 193 14.49 -12.93 -3.12
N ARG A 194 14.45 -12.67 -4.43
CA ARG A 194 14.60 -11.31 -4.99
C ARG A 194 15.83 -10.69 -4.32
N PHE A 195 16.95 -11.39 -4.38
CA PHE A 195 18.08 -11.08 -3.51
C PHE A 195 18.65 -9.69 -3.81
N ASN A 196 18.74 -9.26 -5.07
CA ASN A 196 19.28 -7.90 -5.37
C ASN A 196 18.28 -6.88 -4.80
N GLY A 197 16.98 -7.09 -4.98
CA GLY A 197 15.99 -6.18 -4.41
C GLY A 197 16.09 -6.15 -2.90
N LEU A 198 16.42 -7.28 -2.25
CA LEU A 198 16.55 -7.36 -0.78
C LEU A 198 17.79 -6.56 -0.38
N GLN A 199 18.86 -6.64 -1.14
CA GLN A 199 20.08 -5.87 -0.78
C GLN A 199 19.78 -4.38 -0.95
N SER A 200 19.12 -4.00 -2.06
CA SER A 200 18.67 -2.61 -2.30
C SER A 200 17.74 -2.15 -1.15
N ARG A 201 16.74 -2.95 -0.78
CA ARG A 201 15.80 -2.65 0.31
C ARG A 201 16.57 -2.39 1.61
N SER A 202 17.43 -3.36 1.96
CA SER A 202 18.19 -3.39 3.22
C SER A 202 19.18 -2.20 3.27
N GLY A 203 19.88 -1.93 2.17
CA GLY A 203 20.76 -0.75 2.06
C GLY A 203 20.00 0.56 2.14
N SER A 204 18.79 0.61 1.59
CA SER A 204 18.05 1.88 1.42
C SER A 204 17.74 2.50 2.79
N PHE A 205 17.63 1.68 3.84
CA PHE A 205 17.14 2.15 5.16
C PHE A 205 18.10 3.16 5.75
N TRP A 206 19.42 2.93 5.66
CA TRP A 206 20.44 3.90 6.11
C TRP A 206 20.39 5.22 5.31
N GLY A 207 20.13 5.20 4.00
CA GLY A 207 19.87 6.45 3.24
C GLY A 207 18.62 7.19 3.70
N ILE A 208 17.54 6.46 4.01
CA ILE A 208 16.24 7.02 4.48
C ILE A 208 16.44 7.63 5.90
N THR A 209 17.02 6.89 6.85
CA THR A 209 17.09 7.34 8.26
C THR A 209 18.19 8.41 8.35
N GLY A 210 19.25 8.31 7.52
CA GLY A 210 20.51 9.02 7.79
C GLY A 210 21.15 8.50 9.09
N PRO A 211 22.28 9.13 9.51
CA PRO A 211 23.03 8.66 10.68
C PRO A 211 22.40 9.08 12.01
N PRO A 212 22.90 8.55 13.14
CA PRO A 212 22.49 9.03 14.46
C PRO A 212 22.55 10.55 14.51
N GLY A 213 21.51 11.15 15.09
CA GLY A 213 21.40 12.61 15.28
C GLY A 213 20.90 13.34 14.05
N ALA A 214 20.84 12.73 12.85
CA ALA A 214 20.17 13.33 11.68
C ALA A 214 18.69 13.52 12.01
N PRO A 215 18.02 14.60 11.55
CA PRO A 215 16.60 14.81 11.83
C PRO A 215 15.69 13.60 11.48
N THR A 216 16.08 12.84 10.44
CA THR A 216 15.32 11.70 9.89
C THR A 216 15.50 10.45 10.74
N HIS A 217 16.44 10.46 11.68
CA HIS A 217 16.90 9.21 12.31
C HIS A 217 15.99 8.94 13.49
N LEU A 218 15.67 7.69 13.74
CA LEU A 218 14.99 7.20 14.96
C LEU A 218 16.00 6.33 15.69
N SER A 219 16.15 6.64 16.98
CA SER A 219 16.92 5.85 17.95
C SER A 219 16.24 4.51 18.11
N PRO A 220 16.88 3.50 18.74
CA PRO A 220 16.18 2.27 19.05
C PRO A 220 14.92 2.50 19.89
N GLU A 221 14.98 3.42 20.86
CA GLU A 221 13.84 3.70 21.76
C GLU A 221 12.69 4.36 20.96
N GLU A 222 13.00 5.22 20.02
CA GLU A 222 11.99 5.84 19.12
C GLU A 222 11.32 4.75 18.23
N TRP A 223 12.09 3.82 17.64
CA TRP A 223 11.52 2.66 16.89
C TRP A 223 10.61 1.82 17.80
N ALA A 224 10.98 1.55 19.05
CA ALA A 224 10.15 0.71 19.96
C ALA A 224 8.86 1.48 20.25
N MET A 225 8.93 2.81 20.31
CA MET A 225 7.69 3.65 20.53
C MET A 225 6.79 3.53 19.28
N VAL A 226 7.38 3.58 18.10
CA VAL A 226 6.59 3.36 16.85
C VAL A 226 5.92 1.99 16.92
N GLN A 227 6.67 0.95 17.25
CA GLN A 227 6.11 -0.43 17.27
C GLN A 227 4.96 -0.54 18.27
N LYS A 228 5.01 0.14 19.42
CA LYS A 228 3.93 0.09 20.43
C LYS A 228 2.71 0.72 19.82
N ASN A 229 2.91 1.80 19.08
CA ASN A 229 1.78 2.55 18.44
C ASN A 229 1.24 1.77 17.24
N VAL A 230 2.05 0.94 16.59
CA VAL A 230 1.54 0.00 15.55
C VAL A 230 0.53 -0.95 16.19
N LEU A 231 0.83 -1.54 17.34
CA LEU A 231 -0.13 -2.46 17.99
C LEU A 231 -1.39 -1.71 18.36
N VAL A 232 -1.30 -0.47 18.79
CA VAL A 232 -2.51 0.35 19.12
C VAL A 232 -3.39 0.42 17.86
N GLN A 233 -2.80 0.71 16.70
CA GLN A 233 -3.61 0.90 15.46
C GLN A 233 -4.02 -0.46 14.84
N CYS A 234 -3.17 -1.48 14.89
CA CYS A 234 -3.24 -2.61 13.94
C CYS A 234 -3.47 -3.95 14.61
N ASP A 235 -3.37 -4.04 15.95
CA ASP A 235 -3.40 -5.36 16.63
C ASP A 235 -4.86 -5.75 16.88
N GLU A 236 -5.39 -5.48 18.07
CA GLU A 236 -6.80 -5.82 18.40
C GLU A 236 -7.77 -5.29 17.35
N PRO A 237 -7.64 -4.05 16.85
CA PRO A 237 -8.61 -3.52 15.86
C PRO A 237 -8.74 -4.32 14.57
N LEU A 238 -7.72 -5.07 14.15
CA LEU A 238 -7.73 -5.79 12.86
C LEU A 238 -7.84 -7.31 13.08
N ASP A 239 -7.38 -7.89 14.19
CA ASP A 239 -7.55 -9.35 14.39
C ASP A 239 -8.37 -9.67 15.66
N GLY A 240 -8.71 -8.67 16.46
CA GLY A 240 -9.56 -8.89 17.63
C GLY A 240 -8.83 -9.42 18.85
N VAL A 241 -7.54 -9.76 18.78
CA VAL A 241 -6.78 -10.34 19.92
C VAL A 241 -5.55 -9.48 20.19
N ALA A 242 -5.52 -8.83 21.36
CA ALA A 242 -4.42 -7.95 21.81
C ALA A 242 -3.30 -8.81 22.40
N ASP A 243 -2.55 -9.53 21.55
CA ASP A 243 -1.42 -10.41 21.96
C ASP A 243 -0.11 -9.78 21.49
N GLY A 244 -0.15 -8.59 20.89
CA GLY A 244 1.08 -7.93 20.37
C GLY A 244 1.51 -8.52 19.05
N ILE A 245 0.63 -9.32 18.46
CA ILE A 245 0.92 -10.11 17.23
C ILE A 245 -0.06 -9.70 16.14
N LEU A 246 0.46 -9.25 15.00
CA LEU A 246 -0.44 -8.94 13.86
C LEU A 246 -0.67 -10.24 13.06
N GLU A 247 -1.89 -10.78 13.14
CA GLU A 247 -2.19 -12.11 12.55
C GLU A 247 -2.12 -11.98 11.04
N ASP A 248 -2.47 -10.82 10.48
CA ASP A 248 -2.39 -10.58 9.02
C ASP A 248 -1.98 -9.13 8.84
N PRO A 249 -0.66 -8.86 8.71
CA PRO A 249 -0.19 -7.48 8.54
C PRO A 249 -0.71 -6.80 7.28
N ASN A 250 -1.19 -7.58 6.29
CA ASN A 250 -1.75 -6.98 5.06
C ASN A 250 -2.88 -5.98 5.35
N LEU A 251 -3.58 -6.13 6.48
CA LEU A 251 -4.72 -5.23 6.84
C LEU A 251 -4.21 -3.94 7.49
N CYS A 252 -2.93 -3.86 7.84
CA CYS A 252 -2.31 -2.76 8.61
C CYS A 252 -1.62 -1.75 7.69
N GLN A 253 -2.19 -0.56 7.61
CA GLN A 253 -1.53 0.64 7.04
C GLN A 253 -1.33 1.55 8.25
N TYR A 254 -0.13 1.63 8.77
CA TYR A 254 0.19 2.40 10.00
C TYR A 254 0.26 3.92 9.69
N ARG A 255 -0.31 4.73 10.58
N ARG A 255 -0.19 4.69 10.67
CA ARG A 255 -0.33 6.21 10.48
CA ARG A 255 -0.37 6.15 10.63
C ARG A 255 0.60 6.77 11.56
C ARG A 255 0.61 6.79 11.61
N PRO A 256 1.86 7.09 11.21
CA PRO A 256 2.85 7.62 12.18
C PRO A 256 2.47 9.03 12.64
N GLU A 257 1.62 9.73 11.89
CA GLU A 257 1.13 11.08 12.29
C GLU A 257 0.38 11.01 13.64
N ALA A 258 -0.06 9.86 14.09
CA ALA A 258 -0.66 9.66 15.42
C ALA A 258 0.34 10.07 16.50
N LEU A 259 1.63 10.04 16.18
CA LEU A 259 2.68 10.35 17.18
C LEU A 259 3.28 11.73 16.92
N VAL A 260 2.68 12.57 16.08
CA VAL A 260 3.33 13.84 15.69
C VAL A 260 3.63 14.69 16.96
N CYS A 261 4.80 15.31 17.04
CA CYS A 261 5.13 16.32 18.11
C CYS A 261 4.23 17.53 17.92
N SER A 262 3.50 17.97 18.94
CA SER A 262 2.75 19.25 18.95
C SER A 262 3.64 20.44 19.32
N LYS A 263 3.04 21.64 19.44
CA LYS A 263 3.76 22.89 19.87
C LYS A 263 4.57 22.60 21.15
N GLY A 264 5.90 22.58 21.02
CA GLY A 264 6.86 22.53 22.13
C GLY A 264 6.97 21.16 22.80
N GLN A 265 6.18 20.16 22.40
CA GLN A 265 6.43 18.72 22.72
C GLN A 265 7.72 18.31 21.98
N THR A 266 8.67 17.64 22.64
CA THR A 266 9.93 17.14 22.01
C THR A 266 10.14 15.67 22.34
N LYS A 267 9.35 15.14 23.29
CA LYS A 267 9.58 13.83 23.92
C LYS A 267 8.39 12.92 23.61
N ASN A 268 8.65 11.62 23.46
CA ASN A 268 7.59 10.61 23.28
C ASN A 268 6.77 10.98 22.02
N CYS A 269 7.41 11.52 21.00
CA CYS A 269 6.70 11.95 19.77
C CYS A 269 7.63 11.91 18.55
N LEU A 270 7.10 11.92 17.33
CA LEU A 270 7.90 11.99 16.09
C LEU A 270 7.84 13.40 15.47
N THR A 271 8.95 13.89 14.95
CA THR A 271 8.96 15.13 14.18
C THR A 271 8.51 14.81 12.76
N GLY A 272 8.28 15.86 11.96
CA GLY A 272 7.95 15.70 10.52
C GLY A 272 8.95 14.78 9.82
N PRO A 273 10.26 15.07 9.87
CA PRO A 273 11.25 14.21 9.22
C PRO A 273 11.21 12.74 9.72
N GLN A 274 10.93 12.50 11.00
CA GLN A 274 10.86 11.12 11.53
C GLN A 274 9.58 10.45 11.00
N ILE A 275 8.49 11.22 10.82
CA ILE A 275 7.24 10.64 10.26
C ILE A 275 7.53 10.16 8.82
N GLU A 276 8.25 10.96 8.01
CA GLU A 276 8.63 10.60 6.62
C GLU A 276 9.45 9.31 6.66
N THR A 277 10.36 9.20 7.62
CA THR A 277 11.21 8.02 7.81
C THR A 277 10.34 6.79 8.05
N VAL A 278 9.36 6.83 8.94
CA VAL A 278 8.54 5.62 9.24
C VAL A 278 7.71 5.29 8.00
N ARG A 279 7.13 6.31 7.34
CA ARG A 279 6.38 6.09 6.06
C ARG A 279 7.21 5.38 4.98
N LYS A 280 8.48 5.77 4.81
N LYS A 280 8.49 5.74 4.83
CA LYS A 280 9.43 5.14 3.86
CA LYS A 280 9.41 5.12 3.85
C LYS A 280 9.75 3.71 4.33
C LYS A 280 9.85 3.72 4.30
N VAL A 281 10.08 3.49 5.60
CA VAL A 281 10.50 2.13 6.08
C VAL A 281 9.33 1.15 5.95
N PHE A 282 8.13 1.59 6.31
CA PHE A 282 6.87 0.81 6.18
C PHE A 282 6.24 1.03 4.80
N GLY A 283 7.03 1.42 3.80
CA GLY A 283 6.58 1.69 2.43
C GLY A 283 7.41 0.90 1.44
N PRO A 284 6.96 0.82 0.17
CA PRO A 284 7.70 0.13 -0.85
C PRO A 284 8.90 0.96 -1.30
N LEU A 285 9.85 0.25 -1.91
CA LEU A 285 11.01 0.89 -2.55
C LEU A 285 10.79 0.83 -4.06
N TYR A 286 10.78 1.98 -4.68
CA TYR A 286 10.74 2.17 -6.15
C TYR A 286 12.01 2.89 -6.57
N GLY A 287 12.33 2.87 -7.86
CA GLY A 287 13.63 3.36 -8.36
C GLY A 287 13.45 4.06 -9.68
N ASN A 288 14.51 4.05 -10.48
CA ASN A 288 14.59 4.75 -11.79
C ASN A 288 13.40 4.35 -12.66
N ASN A 289 12.87 5.36 -13.31
CA ASN A 289 11.69 5.29 -14.22
C ASN A 289 10.49 4.63 -13.54
N GLY A 290 10.34 4.77 -12.23
CA GLY A 290 9.19 4.24 -11.49
C GLY A 290 9.21 2.74 -11.36
N THR A 291 10.36 2.10 -11.52
N THR A 291 10.35 2.10 -11.58
CA THR A 291 10.51 0.63 -11.40
CA THR A 291 10.50 0.63 -11.40
C THR A 291 10.43 0.19 -9.93
C THR A 291 10.29 0.28 -9.92
N TYR A 292 9.66 -0.86 -9.69
CA TYR A 292 9.43 -1.43 -8.36
C TYR A 292 10.65 -2.24 -7.99
N ILE A 293 11.13 -2.06 -6.77
CA ILE A 293 12.37 -2.76 -6.32
C ILE A 293 11.96 -3.83 -5.30
N TYR A 294 11.21 -3.47 -4.26
CA TYR A 294 10.99 -4.37 -3.10
C TYR A 294 9.91 -3.77 -2.22
N PRO A 295 9.12 -4.63 -1.54
CA PRO A 295 8.08 -4.17 -0.63
C PRO A 295 8.61 -3.44 0.62
N ARG A 296 7.68 -2.91 1.39
CA ARG A 296 7.90 -2.39 2.76
C ARG A 296 8.43 -3.50 3.68
N ILE A 297 9.04 -3.08 4.79
CA ILE A 297 9.05 -3.89 6.04
C ILE A 297 7.67 -3.76 6.65
N PRO A 298 6.96 -4.86 6.96
CA PRO A 298 5.63 -4.71 7.53
C PRO A 298 5.72 -4.07 8.93
N PRO A 299 4.74 -3.22 9.29
CA PRO A 299 4.53 -2.87 10.69
C PRO A 299 4.38 -4.14 11.52
N GLY A 300 4.90 -4.05 12.73
CA GLY A 300 4.88 -5.15 13.72
C GLY A 300 6.07 -6.08 13.60
N ALA A 301 6.88 -5.96 12.54
CA ALA A 301 7.97 -6.91 12.28
C ALA A 301 9.24 -6.34 12.91
N ASP A 302 9.40 -6.60 14.21
CA ASP A 302 10.42 -5.98 15.08
C ASP A 302 11.64 -6.91 15.22
N GLN A 303 11.51 -8.19 14.86
CA GLN A 303 12.56 -9.21 15.13
C GLN A 303 13.68 -9.08 14.09
N GLY A 304 14.86 -8.63 14.51
CA GLY A 304 15.97 -8.47 13.56
C GLY A 304 15.91 -7.11 12.87
N PHE A 305 14.94 -6.28 13.21
CA PHE A 305 14.67 -4.96 12.59
C PHE A 305 15.94 -4.08 12.70
N GLY A 306 16.59 -4.11 13.88
CA GLY A 306 17.70 -3.23 14.24
C GLY A 306 19.03 -3.58 13.55
N PHE A 307 19.07 -4.65 12.76
CA PHE A 307 20.31 -5.01 12.02
C PHE A 307 20.55 -4.02 10.85
N ALA A 308 19.63 -3.94 9.87
CA ALA A 308 19.77 -3.04 8.70
C ALA A 308 19.35 -1.61 9.03
N ILE A 309 18.52 -1.45 10.05
CA ILE A 309 17.88 -0.17 10.49
C ILE A 309 18.36 0.11 11.94
N GLY A 310 19.52 0.75 12.04
CA GLY A 310 20.27 0.98 13.29
C GLY A 310 21.27 2.09 13.17
N GLU A 311 22.35 2.00 13.97
CA GLU A 311 23.20 3.16 14.30
C GLU A 311 24.39 3.20 13.33
N GLN A 312 24.49 2.24 12.41
CA GLN A 312 25.59 2.20 11.41
C GLN A 312 25.07 1.57 10.10
N PRO A 313 25.81 1.75 8.99
CA PRO A 313 25.41 1.12 7.72
C PRO A 313 25.24 -0.40 7.89
N PHE A 314 24.48 -1.02 6.98
CA PHE A 314 24.22 -2.46 6.99
C PHE A 314 25.35 -3.19 6.26
N PRO A 315 26.05 -4.15 6.92
CA PRO A 315 27.16 -4.87 6.29
C PRO A 315 26.82 -5.68 5.02
N TYR A 316 25.72 -6.42 5.03
CA TYR A 316 25.42 -7.37 3.92
C TYR A 316 25.25 -6.56 2.62
N SER A 317 24.42 -5.53 2.66
CA SER A 317 24.18 -4.70 1.46
C SER A 317 25.44 -3.94 1.07
N THR A 318 26.17 -3.43 2.06
CA THR A 318 27.36 -2.57 1.78
C THR A 318 28.42 -3.37 1.03
N GLU A 319 28.68 -4.58 1.50
CA GLU A 319 29.67 -5.52 0.89
C GLU A 319 29.15 -5.95 -0.48
N TRP A 320 27.83 -6.16 -0.63
CA TRP A 320 27.31 -6.60 -1.94
C TRP A 320 27.64 -5.51 -2.97
N PHE A 321 27.32 -4.28 -2.68
CA PHE A 321 27.50 -3.14 -3.63
C PHE A 321 28.98 -2.94 -3.92
N GLN A 322 29.82 -3.04 -2.88
CA GLN A 322 31.28 -2.80 -3.00
C GLN A 322 31.95 -3.93 -3.78
N TYR A 323 31.69 -5.17 -3.39
CA TYR A 323 32.48 -6.36 -3.81
C TYR A 323 31.92 -7.03 -5.07
N VAL A 324 30.60 -6.97 -5.28
CA VAL A 324 29.91 -7.84 -6.25
C VAL A 324 29.27 -6.97 -7.36
N ILE A 325 28.72 -5.81 -7.02
CA ILE A 325 27.89 -5.07 -8.00
C ILE A 325 28.74 -3.99 -8.68
N TRP A 326 29.36 -3.11 -7.92
CA TRP A 326 30.14 -1.98 -8.45
C TRP A 326 31.64 -2.32 -8.53
N ASN A 327 32.05 -3.38 -7.81
CA ASN A 327 33.48 -3.82 -7.75
C ASN A 327 34.35 -2.63 -7.37
N ASP A 328 33.98 -1.94 -6.30
CA ASP A 328 34.65 -0.70 -5.86
C ASP A 328 34.59 -0.67 -4.35
N THR A 329 35.71 -0.93 -3.67
CA THR A 329 35.75 -1.07 -2.18
C THR A 329 35.43 0.28 -1.53
N LYS A 330 35.40 1.36 -2.32
CA LYS A 330 35.13 2.73 -1.80
C LYS A 330 33.66 3.13 -2.04
N TRP A 331 32.82 2.25 -2.62
CA TRP A 331 31.37 2.59 -2.75
C TRP A 331 30.85 2.98 -1.36
N ASP A 332 30.07 4.03 -1.30
CA ASP A 332 29.68 4.66 -0.01
C ASP A 332 28.24 4.31 0.33
N PRO A 333 27.96 3.61 1.44
CA PRO A 333 26.58 3.27 1.77
C PRO A 333 25.71 4.49 2.11
N ASN A 334 26.36 5.63 2.35
CA ASN A 334 25.69 6.89 2.76
C ASN A 334 24.92 7.44 1.56
N THR A 335 25.34 7.18 0.33
CA THR A 335 24.75 7.83 -0.87
C THR A 335 23.98 6.78 -1.69
N ILE A 336 23.60 5.65 -1.09
CA ILE A 336 22.80 4.61 -1.80
C ILE A 336 21.60 5.27 -2.47
N GLY A 337 21.26 4.83 -3.68
CA GLY A 337 20.08 5.37 -4.33
C GLY A 337 19.68 4.55 -5.52
N PRO A 338 18.69 5.04 -6.27
CA PRO A 338 18.16 4.29 -7.42
C PRO A 338 19.18 3.76 -8.42
N ASN A 339 20.25 4.51 -8.72
CA ASN A 339 21.27 4.00 -9.67
C ASN A 339 21.87 2.68 -9.15
N ASP A 340 22.03 2.56 -7.84
CA ASP A 340 22.47 1.33 -7.17
C ASP A 340 21.47 0.19 -7.38
N TYR A 341 20.21 0.44 -7.07
CA TYR A 341 19.17 -0.62 -7.16
C TYR A 341 19.09 -1.14 -8.60
N GLN A 342 19.19 -0.24 -9.57
CA GLN A 342 19.13 -0.58 -11.01
C GLN A 342 20.37 -1.41 -11.36
N LYS A 343 21.56 -0.95 -10.99
CA LYS A 343 22.79 -1.71 -11.33
C LYS A 343 22.72 -3.11 -10.73
N ALA A 344 22.30 -3.27 -9.50
CA ALA A 344 22.25 -4.62 -8.87
C ALA A 344 21.33 -5.54 -9.67
N SER A 345 20.18 -5.03 -10.11
CA SER A 345 19.19 -5.82 -10.88
C SER A 345 19.81 -6.30 -12.19
N GLU A 346 20.59 -5.44 -12.85
CA GLU A 346 21.21 -5.68 -14.19
C GLU A 346 22.45 -6.58 -14.08
N VAL A 347 23.19 -6.55 -12.96
CA VAL A 347 24.40 -7.39 -12.83
C VAL A 347 23.94 -8.78 -12.43
N ASN A 348 23.15 -8.86 -11.38
CA ASN A 348 22.42 -10.07 -10.97
C ASN A 348 23.27 -11.32 -11.18
N PRO A 349 24.37 -11.47 -10.43
CA PRO A 349 25.32 -12.56 -10.69
C PRO A 349 24.71 -13.97 -10.61
N PHE A 350 24.85 -14.77 -11.69
CA PHE A 350 24.38 -16.19 -11.73
C PHE A 350 22.90 -16.22 -11.37
N ASN A 351 22.16 -15.16 -11.71
CA ASN A 351 20.71 -15.08 -11.42
C ASN A 351 20.48 -15.32 -9.91
N VAL A 352 21.26 -14.64 -9.06
CA VAL A 352 21.04 -14.69 -7.59
C VAL A 352 19.70 -14.07 -7.24
N GLU A 353 19.08 -13.31 -8.16
CA GLU A 353 17.69 -12.79 -7.89
C GLU A 353 16.80 -13.90 -7.37
N THR A 354 16.90 -15.10 -7.94
CA THR A 354 16.10 -16.25 -7.45
C THR A 354 14.62 -15.90 -7.45
N TRP A 355 14.14 -15.37 -8.57
CA TRP A 355 12.78 -14.79 -8.73
C TRP A 355 12.09 -15.43 -9.94
N GLU A 356 12.51 -16.63 -10.33
CA GLU A 356 11.86 -17.39 -11.43
C GLU A 356 10.49 -17.88 -11.01
N GLY A 357 9.44 -17.55 -11.79
CA GLY A 357 8.07 -17.93 -11.45
C GLY A 357 7.71 -19.31 -11.97
N ASP A 358 8.52 -19.89 -12.85
CA ASP A 358 8.14 -21.10 -13.61
C ASP A 358 8.61 -22.33 -12.85
N LEU A 359 7.76 -22.96 -12.07
CA LEU A 359 8.13 -24.18 -11.32
C LEU A 359 7.63 -25.45 -12.04
N SER A 360 7.45 -25.38 -13.36
CA SER A 360 7.02 -26.53 -14.23
C SER A 360 7.74 -27.81 -13.82
N LYS A 361 9.08 -27.78 -13.81
CA LYS A 361 9.91 -29.01 -13.79
C LYS A 361 9.84 -29.61 -12.40
N PHE A 362 9.84 -28.75 -11.39
CA PHE A 362 9.76 -29.20 -9.99
C PHE A 362 8.38 -29.88 -9.79
N ARG A 363 7.34 -29.21 -10.28
CA ARG A 363 5.94 -29.67 -10.17
C ARG A 363 5.84 -31.03 -10.86
N LYS A 364 6.30 -31.06 -12.12
CA LYS A 364 6.13 -32.24 -13.02
C LYS A 364 6.84 -33.49 -12.46
N ARG A 365 8.06 -33.37 -11.92
CA ARG A 365 8.76 -34.55 -11.37
C ARG A 365 8.11 -35.00 -10.05
N GLY A 366 7.09 -34.32 -9.52
CA GLY A 366 6.47 -34.73 -8.25
C GLY A 366 7.15 -34.16 -6.99
N SER A 367 8.08 -33.20 -7.12
CA SER A 367 8.70 -32.56 -5.93
C SER A 367 7.69 -31.61 -5.23
N LYS A 368 7.87 -31.43 -3.92
CA LYS A 368 7.00 -30.62 -3.03
C LYS A 368 7.84 -29.54 -2.31
N ILE A 369 7.32 -28.32 -2.17
CA ILE A 369 8.03 -27.25 -1.42
C ILE A 369 7.07 -26.65 -0.40
N ILE A 370 7.50 -26.69 0.86
CA ILE A 370 6.92 -25.93 1.98
C ILE A 370 7.73 -24.63 2.08
N HIS A 371 7.13 -23.53 1.66
CA HIS A 371 7.65 -22.15 1.85
C HIS A 371 7.07 -21.62 3.15
N TRP A 372 7.82 -20.91 3.97
CA TRP A 372 7.22 -20.29 5.17
C TRP A 372 7.98 -19.01 5.55
N HIS A 373 7.32 -18.12 6.28
CA HIS A 373 7.93 -16.83 6.63
C HIS A 373 7.32 -16.38 7.94
N GLY A 374 8.15 -15.89 8.86
CA GLY A 374 7.64 -15.25 10.08
C GLY A 374 7.15 -13.85 9.81
N LEU A 375 5.93 -13.56 10.25
CA LEU A 375 5.24 -12.26 10.06
C LEU A 375 5.87 -11.19 10.95
N GLU A 376 6.62 -11.58 11.99
CA GLU A 376 7.35 -10.64 12.90
C GLU A 376 8.80 -10.40 12.41
N ASP A 377 9.23 -10.97 11.27
CA ASP A 377 10.59 -10.84 10.68
C ASP A 377 10.82 -9.44 10.13
N GLY A 378 11.69 -8.68 10.77
CA GLY A 378 12.06 -7.32 10.35
C GLY A 378 13.38 -7.26 9.62
N LEU A 379 14.00 -8.41 9.36
CA LEU A 379 15.27 -8.52 8.59
C LEU A 379 14.99 -8.85 7.13
N ILE A 380 14.11 -9.84 6.91
CA ILE A 380 13.56 -10.15 5.55
C ILE A 380 12.05 -9.99 5.62
N SER A 381 11.53 -8.96 4.90
CA SER A 381 10.09 -8.68 4.81
C SER A 381 9.29 -9.94 4.45
N SER A 382 8.32 -10.33 5.25
CA SER A 382 7.42 -11.45 4.89
C SER A 382 6.58 -11.05 3.68
N ASP A 383 6.42 -9.74 3.41
CA ASP A 383 5.61 -9.32 2.21
C ASP A 383 6.26 -9.86 0.93
N ASN A 384 7.61 -9.92 0.89
CA ASN A 384 8.32 -10.40 -0.34
C ASN A 384 7.92 -11.84 -0.66
N SER A 385 7.72 -12.69 0.35
CA SER A 385 7.27 -14.09 0.21
C SER A 385 5.86 -14.19 -0.41
N MET A 386 4.87 -13.42 0.02
N MET A 386 4.89 -13.42 0.10
CA MET A 386 3.53 -13.53 -0.62
CA MET A 386 3.55 -13.28 -0.51
C MET A 386 3.59 -12.90 -2.03
C MET A 386 3.69 -12.97 -2.01
N GLU A 387 4.55 -12.00 -2.33
CA GLU A 387 4.69 -11.46 -3.71
C GLU A 387 5.24 -12.57 -4.63
N TYR A 388 6.19 -13.37 -4.12
CA TYR A 388 6.73 -14.53 -4.88
C TYR A 388 5.59 -15.53 -5.15
N TYR A 389 4.80 -15.91 -4.15
CA TYR A 389 3.66 -16.85 -4.33
C TYR A 389 2.77 -16.33 -5.48
N ASN A 390 2.35 -15.07 -5.40
CA ASN A 390 1.47 -14.45 -6.42
C ASN A 390 2.16 -14.38 -7.77
N HIS A 391 3.47 -14.22 -7.80
CA HIS A 391 4.28 -14.23 -9.05
C HIS A 391 4.23 -15.62 -9.70
N VAL A 392 4.41 -16.67 -8.91
CA VAL A 392 4.33 -18.08 -9.39
C VAL A 392 2.93 -18.27 -9.98
N SER A 393 1.87 -17.88 -9.26
CA SER A 393 0.45 -18.10 -9.68
C SER A 393 0.23 -17.45 -11.04
N ALA A 394 0.68 -16.20 -11.19
CA ALA A 394 0.52 -15.43 -12.44
C ALA A 394 1.37 -16.07 -13.53
N THR A 395 2.61 -16.45 -13.26
CA THR A 395 3.57 -16.88 -14.29
C THR A 395 3.10 -18.23 -14.83
N MET A 396 2.72 -19.15 -13.94
CA MET A 396 2.35 -20.54 -14.30
C MET A 396 0.86 -20.64 -14.73
N GLY A 397 0.03 -19.63 -14.46
CA GLY A 397 -1.42 -19.71 -14.68
C GLY A 397 -2.05 -20.79 -13.82
N LEU A 398 -1.67 -20.85 -12.56
CA LEU A 398 -2.24 -21.80 -11.59
C LEU A 398 -2.88 -21.04 -10.42
N SER A 399 -4.12 -21.36 -10.12
CA SER A 399 -4.87 -20.85 -8.95
C SER A 399 -4.16 -21.38 -7.72
N ASN A 400 -4.54 -20.88 -6.54
CA ASN A 400 -3.95 -21.35 -5.27
C ASN A 400 -4.27 -22.84 -5.07
N THR A 401 -5.42 -23.33 -5.54
CA THR A 401 -5.80 -24.75 -5.29
C THR A 401 -4.95 -25.69 -6.16
N GLU A 402 -4.61 -25.28 -7.39
CA GLU A 402 -3.63 -25.99 -8.26
C GLU A 402 -2.27 -25.92 -7.59
N LEU A 403 -1.83 -24.74 -7.11
CA LEU A 403 -0.48 -24.64 -6.51
C LEU A 403 -0.42 -25.52 -5.25
N ASP A 404 -1.53 -25.66 -4.52
CA ASP A 404 -1.64 -26.48 -3.29
C ASP A 404 -1.08 -27.89 -3.57
N GLU A 405 -1.17 -28.37 -4.82
CA GLU A 405 -0.67 -29.75 -5.14
C GLU A 405 0.84 -29.92 -4.84
N PHE A 406 1.69 -28.89 -5.04
CA PHE A 406 3.16 -29.03 -4.93
C PHE A 406 3.88 -27.86 -4.20
N TYR A 407 3.19 -26.74 -3.92
CA TYR A 407 3.83 -25.54 -3.34
C TYR A 407 2.83 -24.88 -2.39
N ARG A 408 3.15 -24.95 -1.11
CA ARG A 408 2.40 -24.25 -0.06
C ARG A 408 3.33 -23.29 0.68
N TYR A 409 2.74 -22.15 1.01
CA TYR A 409 3.43 -21.00 1.64
C TYR A 409 2.67 -20.65 2.92
N PHE A 410 3.35 -20.80 4.03
CA PHE A 410 2.76 -20.68 5.37
C PHE A 410 3.19 -19.35 5.97
N ARG A 411 2.21 -18.54 6.35
CA ARG A 411 2.42 -17.26 7.10
C ARG A 411 2.33 -17.59 8.58
N VAL A 412 3.48 -17.51 9.27
CA VAL A 412 3.60 -17.83 10.71
C VAL A 412 3.56 -16.53 11.51
N SER A 413 2.43 -16.28 12.17
CA SER A 413 2.23 -15.08 12.99
C SER A 413 3.09 -15.20 14.26
N GLY A 414 3.65 -14.08 14.71
CA GLY A 414 4.40 -14.03 15.98
C GLY A 414 5.68 -14.85 15.96
N CYS A 415 6.23 -15.02 14.75
CA CYS A 415 7.54 -15.65 14.53
C CYS A 415 8.49 -14.64 13.89
N GLY A 416 9.71 -14.66 14.38
CA GLY A 416 10.74 -13.74 13.92
C GLY A 416 11.53 -14.35 12.80
N HIS A 417 12.78 -13.92 12.67
CA HIS A 417 13.74 -14.31 11.62
C HIS A 417 14.26 -15.74 11.87
N CYS A 418 13.60 -16.76 11.33
CA CYS A 418 13.96 -18.22 11.40
C CYS A 418 13.67 -18.81 12.79
N SER A 419 13.58 -17.96 13.78
CA SER A 419 13.24 -18.33 15.17
C SER A 419 12.85 -17.08 15.93
N GLY A 420 12.58 -17.25 17.23
CA GLY A 420 12.14 -16.18 18.15
C GLY A 420 10.80 -15.59 17.73
N GLY A 421 10.47 -14.43 18.29
CA GLY A 421 9.14 -13.82 18.20
C GLY A 421 8.32 -14.17 19.42
N ILE A 422 7.16 -13.55 19.58
CA ILE A 422 6.42 -13.62 20.88
C ILE A 422 5.20 -14.51 20.74
N GLY A 423 4.95 -15.08 19.57
CA GLY A 423 3.76 -15.89 19.27
C GLY A 423 3.99 -17.40 19.42
N ALA A 424 3.12 -18.19 18.80
CA ALA A 424 3.27 -19.67 18.71
C ALA A 424 4.19 -19.97 17.51
N ASN A 425 5.47 -19.66 17.71
CA ASN A 425 6.48 -19.53 16.64
C ASN A 425 7.12 -20.89 16.33
N ARG A 426 7.23 -21.82 17.29
CA ARG A 426 8.08 -23.03 17.19
C ARG A 426 7.39 -24.01 16.24
N ILE A 427 7.82 -24.02 14.97
CA ILE A 427 7.23 -24.85 13.88
C ILE A 427 8.16 -26.01 13.47
N GLY A 428 9.38 -26.11 14.01
CA GLY A 428 10.33 -27.22 13.82
C GLY A 428 11.21 -27.10 12.59
N ASN A 429 11.40 -25.90 12.05
CA ASN A 429 12.33 -25.66 10.92
C ASN A 429 13.78 -25.80 11.38
N ASN A 430 14.07 -25.68 12.68
CA ASN A 430 15.45 -25.93 13.19
C ASN A 430 15.38 -26.15 14.70
N ARG A 431 16.52 -26.34 15.34
CA ARG A 431 16.56 -26.61 16.80
C ARG A 431 16.05 -25.39 17.56
N ALA A 432 16.58 -24.21 17.25
CA ALA A 432 16.22 -22.94 17.91
C ALA A 432 14.71 -22.75 17.88
N ASN A 433 14.05 -23.21 16.82
CA ASN A 433 12.59 -23.01 16.63
C ASN A 433 11.85 -24.36 16.74
N LEU A 434 12.44 -25.32 17.44
CA LEU A 434 11.84 -26.66 17.60
C LEU A 434 10.64 -26.64 18.58
N GLY A 435 9.51 -27.15 18.14
CA GLY A 435 8.37 -27.44 19.01
C GLY A 435 8.19 -28.94 19.18
N GLY A 436 7.10 -29.49 18.66
CA GLY A 436 6.80 -30.92 18.71
C GLY A 436 7.52 -31.70 17.63
N LYS A 437 7.25 -33.01 17.56
CA LYS A 437 8.01 -33.94 16.71
C LYS A 437 7.01 -34.84 15.99
N GLU A 438 5.89 -34.28 15.54
CA GLU A 438 4.93 -34.95 14.63
C GLU A 438 4.76 -34.10 13.39
N ALA A 439 4.23 -34.66 12.31
CA ALA A 439 4.09 -33.99 11.01
C ALA A 439 3.30 -32.68 11.18
N LYS A 440 2.26 -32.68 12.01
CA LYS A 440 1.31 -31.55 12.15
C LYS A 440 2.01 -30.32 12.78
N ASN A 441 3.05 -30.51 13.60
CA ASN A 441 3.67 -29.43 14.38
C ASN A 441 5.18 -29.34 14.11
N ASN A 442 5.68 -30.01 13.06
CA ASN A 442 7.12 -30.02 12.73
C ASN A 442 7.22 -29.96 11.21
N VAL A 443 7.77 -28.88 10.63
CA VAL A 443 7.66 -28.65 9.16
C VAL A 443 8.52 -29.66 8.39
N LEU A 444 9.60 -30.14 9.00
CA LEU A 444 10.51 -31.11 8.33
C LEU A 444 9.78 -32.47 8.21
N LEU A 445 9.09 -32.93 9.27
CA LEU A 445 8.23 -34.16 9.21
C LEU A 445 7.03 -33.93 8.31
N ALA A 446 6.45 -32.71 8.31
CA ALA A 446 5.35 -32.41 7.38
C ALA A 446 5.87 -32.57 5.94
N LEU A 447 7.12 -32.24 5.68
CA LEU A 447 7.64 -32.33 4.28
C LEU A 447 7.81 -33.84 3.95
N VAL A 448 8.38 -34.59 4.87
CA VAL A 448 8.57 -36.07 4.71
C VAL A 448 7.19 -36.70 4.42
N LYS A 449 6.16 -36.35 5.21
CA LYS A 449 4.80 -36.95 5.09
C LYS A 449 4.16 -36.58 3.74
N TRP A 450 4.38 -35.36 3.29
CA TRP A 450 3.85 -34.91 1.98
C TRP A 450 4.54 -35.68 0.86
N VAL A 451 5.88 -35.78 0.90
CA VAL A 451 6.67 -36.42 -0.20
C VAL A 451 6.35 -37.92 -0.16
N GLU A 452 6.37 -38.54 1.02
CA GLU A 452 6.31 -40.03 1.13
C GLU A 452 4.86 -40.56 1.15
N GLU A 453 3.93 -39.92 1.87
N GLU A 453 3.93 -39.90 1.84
CA GLU A 453 2.51 -40.39 2.01
CA GLU A 453 2.52 -40.36 2.04
C GLU A 453 1.57 -39.65 1.05
C GLU A 453 1.53 -39.57 1.17
N GLY A 454 1.95 -38.51 0.48
CA GLY A 454 1.04 -37.69 -0.35
C GLY A 454 0.05 -36.88 0.48
N GLN A 455 0.27 -36.74 1.78
CA GLN A 455 -0.56 -35.93 2.72
C GLN A 455 0.12 -34.56 2.88
N ALA A 456 -0.32 -33.57 2.10
CA ALA A 456 0.11 -32.14 2.17
C ALA A 456 -0.27 -31.53 3.52
N PRO A 457 0.54 -30.63 4.10
CA PRO A 457 0.10 -29.85 5.25
C PRO A 457 -1.00 -28.83 4.84
N GLU A 458 -2.11 -28.84 5.56
CA GLU A 458 -3.25 -27.91 5.42
C GLU A 458 -2.86 -26.61 6.15
N THR A 459 -2.38 -26.80 7.38
CA THR A 459 -1.79 -25.81 8.32
C THR A 459 -0.42 -26.34 8.78
N ILE A 460 0.42 -25.49 9.35
CA ILE A 460 1.60 -25.93 10.15
C ILE A 460 1.44 -25.41 11.57
N THR A 461 1.53 -26.30 12.57
CA THR A 461 1.27 -25.91 13.96
C THR A 461 2.56 -25.32 14.54
N GLY A 462 2.42 -24.20 15.23
CA GLY A 462 3.46 -23.63 16.08
C GLY A 462 3.00 -23.54 17.52
N VAL A 463 3.97 -23.49 18.42
CA VAL A 463 3.72 -23.40 19.88
C VAL A 463 4.66 -22.40 20.49
N ARG A 464 4.19 -21.82 21.58
CA ARG A 464 5.03 -21.16 22.60
C ARG A 464 4.92 -21.96 23.90
N TYR A 465 6.05 -22.23 24.55
CA TYR A 465 6.05 -22.93 25.86
C TYR A 465 5.82 -21.89 26.96
N VAL A 466 5.44 -22.35 28.16
CA VAL A 466 5.26 -21.46 29.34
C VAL A 466 6.51 -20.61 29.46
N ASN A 467 6.30 -19.29 29.51
CA ASN A 467 7.31 -18.24 29.81
C ASN A 467 8.28 -18.02 28.63
N GLY A 468 7.92 -18.48 27.41
CA GLY A 468 8.77 -18.37 26.21
C GLY A 468 10.02 -19.23 26.30
N ALA A 469 10.02 -20.24 27.18
CA ALA A 469 11.13 -21.20 27.38
C ALA A 469 11.28 -22.12 26.15
N THR A 470 12.41 -22.81 26.11
CA THR A 470 12.85 -23.77 25.05
C THR A 470 11.94 -24.99 25.00
N THR A 471 11.27 -25.33 26.10
CA THR A 471 10.49 -26.60 26.26
C THR A 471 9.49 -26.42 27.39
N GLY A 472 8.59 -27.39 27.57
CA GLY A 472 7.75 -27.49 28.77
C GLY A 472 6.29 -27.61 28.41
N LYS A 473 5.44 -27.05 29.27
CA LYS A 473 3.98 -26.93 29.06
C LYS A 473 3.75 -25.90 27.93
N VAL A 474 2.89 -26.25 26.97
CA VAL A 474 2.47 -25.38 25.82
C VAL A 474 1.56 -24.31 26.41
N GLU A 475 1.88 -23.04 26.17
CA GLU A 475 1.12 -21.85 26.63
C GLU A 475 0.19 -21.40 25.50
N VAL A 476 0.71 -21.40 24.27
CA VAL A 476 -0.02 -20.94 23.06
C VAL A 476 0.26 -21.97 21.99
N GLU A 477 -0.79 -22.42 21.30
CA GLU A 477 -0.61 -23.21 20.06
C GLU A 477 -1.49 -22.67 18.94
N ARG A 478 -0.97 -22.62 17.72
CA ARG A 478 -1.74 -22.01 16.61
C ARG A 478 -1.39 -22.74 15.30
N ARG A 479 -2.44 -23.09 14.54
CA ARG A 479 -2.35 -23.71 13.21
C ARG A 479 -2.18 -22.58 12.20
N HIS A 480 -0.94 -22.28 11.79
CA HIS A 480 -0.61 -21.17 10.87
C HIS A 480 -1.16 -21.52 9.50
N CYS A 481 -1.73 -20.53 8.81
CA CYS A 481 -2.49 -20.71 7.56
C CYS A 481 -1.55 -20.69 6.35
N ARG A 482 -1.89 -21.48 5.33
CA ARG A 482 -1.24 -21.41 4.00
C ARG A 482 -1.89 -20.24 3.25
N TYR A 483 -1.06 -19.45 2.57
CA TYR A 483 -1.50 -18.29 1.77
C TYR A 483 -2.47 -18.80 0.71
N PRO A 484 -3.56 -18.09 0.31
CA PRO A 484 -3.92 -16.76 0.82
C PRO A 484 -4.95 -16.81 1.96
N TYR A 485 -5.03 -17.93 2.67
CA TYR A 485 -5.90 -18.06 3.87
C TYR A 485 -5.41 -17.08 4.94
N ARG A 486 -6.36 -16.59 5.72
CA ARG A 486 -6.15 -15.68 6.85
C ARG A 486 -6.56 -16.39 8.14
N ASN A 487 -5.80 -16.27 9.20
CA ASN A 487 -6.18 -16.88 10.49
C ASN A 487 -7.19 -15.97 11.20
N VAL A 488 -8.37 -16.49 11.48
CA VAL A 488 -9.51 -15.70 12.02
C VAL A 488 -9.92 -16.28 13.37
N TRP A 489 -9.86 -15.45 14.40
CA TRP A 489 -10.29 -15.75 15.78
C TRP A 489 -11.82 -15.85 15.82
N ASP A 490 -12.37 -16.86 16.49
CA ASP A 490 -13.86 -17.12 16.51
C ASP A 490 -14.60 -16.15 17.45
N ARG A 491 -13.89 -15.29 18.19
CA ARG A 491 -14.47 -14.20 19.01
C ARG A 491 -15.00 -14.70 20.35
N LYS A 492 -14.89 -15.99 20.65
CA LYS A 492 -15.49 -16.58 21.87
C LYS A 492 -14.40 -17.38 22.63
N GLY A 493 -13.64 -18.25 21.94
CA GLY A 493 -12.68 -19.16 22.60
C GLY A 493 -11.45 -18.44 23.10
N ASN A 494 -10.77 -19.05 24.06
CA ASN A 494 -9.43 -18.67 24.56
C ASN A 494 -8.48 -18.56 23.35
N TYR A 495 -7.89 -17.38 23.09
CA TYR A 495 -7.09 -17.09 21.87
C TYR A 495 -5.85 -18.01 21.82
N LYS A 496 -5.38 -18.45 23.00
CA LYS A 496 -4.22 -19.38 23.17
C LYS A 496 -4.56 -20.82 22.72
N ASN A 497 -5.84 -21.16 22.63
CA ASN A 497 -6.29 -22.50 22.16
C ASN A 497 -6.39 -22.49 20.63
N PRO A 498 -5.71 -23.42 19.92
CA PRO A 498 -5.76 -23.43 18.45
C PRO A 498 -7.17 -23.63 17.90
N ASP A 499 -8.04 -24.26 18.70
CA ASP A 499 -9.45 -24.58 18.33
C ASP A 499 -10.26 -23.28 18.23
N SER A 500 -9.80 -22.18 18.86
CA SER A 500 -10.42 -20.83 18.83
C SER A 500 -10.18 -20.12 17.48
N TRP A 501 -9.41 -20.71 16.57
CA TRP A 501 -9.04 -20.06 15.29
C TRP A 501 -9.43 -20.93 14.10
N LYS A 502 -9.69 -20.27 12.96
CA LYS A 502 -9.94 -20.98 11.70
C LYS A 502 -9.21 -20.25 10.56
N CYS A 503 -8.48 -21.01 9.76
CA CYS A 503 -7.92 -20.50 8.50
C CYS A 503 -9.05 -20.27 7.53
N GLU A 504 -9.20 -19.06 6.98
CA GLU A 504 -10.39 -18.73 6.19
C GLU A 504 -9.99 -18.11 4.86
N LEU A 505 -10.74 -18.48 3.85
CA LEU A 505 -10.55 -18.02 2.47
C LEU A 505 -11.93 -17.87 1.87
N PRO A 506 -12.54 -16.67 2.01
CA PRO A 506 -13.82 -16.36 1.38
C PRO A 506 -13.83 -16.56 -0.14
N LEU A 507 -14.80 -17.35 -0.63
CA LEU A 507 -15.00 -17.68 -2.07
C LEU A 507 -16.30 -17.02 -2.59
N GLU A 508 -17.28 -16.77 -1.71
CA GLU A 508 -18.55 -16.02 -2.02
C GLU A 508 -18.64 -14.75 -1.15
N ASP B 1 -41.44 47.04 -5.20
CA ASP B 1 -41.40 45.56 -5.06
C ASP B 1 -40.02 45.07 -5.48
N PHE B 2 -39.75 43.83 -5.09
CA PHE B 2 -38.44 43.20 -5.31
C PHE B 2 -38.13 43.18 -6.81
N ALA B 3 -39.14 42.87 -7.64
CA ALA B 3 -38.94 42.75 -9.10
C ALA B 3 -38.45 44.10 -9.63
N ALA B 4 -38.92 45.22 -9.12
CA ALA B 4 -38.52 46.54 -9.66
C ALA B 4 -37.09 46.86 -9.20
N LYS B 5 -36.78 46.51 -7.96
CA LYS B 5 -35.43 46.73 -7.37
C LYS B 5 -34.41 45.96 -8.19
N CYS B 6 -34.76 44.72 -8.49
CA CYS B 6 -33.91 43.85 -9.32
C CYS B 6 -33.67 44.53 -10.67
N ALA B 7 -34.72 44.86 -11.39
CA ALA B 7 -34.57 45.48 -12.72
C ALA B 7 -33.72 46.75 -12.63
N GLY B 8 -33.91 47.56 -11.58
CA GLY B 8 -33.20 48.83 -11.36
C GLY B 8 -31.72 48.61 -11.11
N PHE B 9 -31.31 47.41 -10.73
CA PHE B 9 -29.91 47.13 -10.28
C PHE B 9 -28.97 47.24 -11.48
N LYS B 10 -29.38 46.82 -12.69
CA LYS B 10 -28.47 46.71 -13.86
C LYS B 10 -27.80 48.06 -14.12
N THR B 11 -28.50 49.16 -13.94
CA THR B 11 -27.97 50.48 -14.35
C THR B 11 -27.15 51.11 -13.22
N SER B 12 -27.41 50.78 -11.95
CA SER B 12 -26.67 51.39 -10.83
C SER B 12 -25.43 50.57 -10.51
N LEU B 13 -25.39 49.27 -10.81
CA LEU B 13 -24.24 48.40 -10.41
C LEU B 13 -22.99 48.72 -11.27
N LYS B 14 -21.94 49.21 -10.63
CA LYS B 14 -20.59 49.39 -11.24
C LYS B 14 -19.60 48.52 -10.46
N LEU B 15 -18.92 47.64 -11.18
CA LEU B 15 -17.88 46.80 -10.59
C LEU B 15 -16.62 46.94 -11.44
N PRO B 16 -15.41 46.94 -10.83
CA PRO B 16 -14.19 47.06 -11.61
C PRO B 16 -14.07 45.94 -12.66
N ASN B 17 -13.65 46.32 -13.88
CA ASN B 17 -13.38 45.43 -15.03
C ASN B 17 -14.60 44.57 -15.38
N THR B 18 -15.81 45.02 -15.06
CA THR B 18 -17.02 44.17 -15.18
C THR B 18 -18.06 44.87 -16.07
N LYS B 19 -18.70 44.11 -16.97
CA LYS B 19 -19.90 44.48 -17.74
C LYS B 19 -21.07 43.72 -17.12
N VAL B 20 -22.13 44.43 -16.72
CA VAL B 20 -23.38 43.76 -16.26
C VAL B 20 -24.28 43.58 -17.48
N TRP B 21 -24.49 42.34 -17.88
CA TRP B 21 -25.36 41.99 -19.03
C TRP B 21 -26.80 42.21 -18.68
N PHE B 22 -27.23 41.78 -17.49
CA PHE B 22 -28.65 41.88 -17.08
C PHE B 22 -28.81 41.62 -15.58
N THR B 23 -29.87 42.17 -15.00
CA THR B 23 -30.33 41.86 -13.63
C THR B 23 -31.80 41.52 -13.71
N GLU B 24 -32.11 40.21 -13.80
CA GLU B 24 -33.38 39.54 -14.18
C GLU B 24 -34.09 39.03 -12.92
N HIS B 25 -35.33 39.47 -12.69
CA HIS B 25 -36.14 39.01 -11.53
C HIS B 25 -36.59 37.60 -11.88
N VAL B 26 -36.51 36.65 -10.96
CA VAL B 26 -37.03 35.29 -11.15
C VAL B 26 -37.90 34.93 -9.95
N PRO B 27 -39.20 34.69 -10.16
CA PRO B 27 -40.06 34.25 -9.07
C PRO B 27 -39.75 32.83 -8.56
N ALA B 28 -40.11 32.54 -7.31
CA ALA B 28 -40.06 31.17 -6.71
C ALA B 28 -40.71 30.16 -7.65
N GLY B 29 -40.05 29.03 -7.91
CA GLY B 29 -40.59 27.90 -8.69
C GLY B 29 -40.34 28.05 -10.18
N LYS B 30 -39.75 29.15 -10.66
CA LYS B 30 -39.56 29.29 -12.11
C LYS B 30 -38.36 28.46 -12.61
N ASN B 31 -38.54 27.88 -13.81
CA ASN B 31 -37.52 27.16 -14.59
C ASN B 31 -36.61 28.17 -15.28
N ILE B 32 -35.39 28.32 -14.81
CA ILE B 32 -34.45 29.28 -15.47
C ILE B 32 -33.75 28.51 -16.55
N THR B 33 -33.74 29.06 -17.77
CA THR B 33 -33.10 28.38 -18.92
C THR B 33 -31.79 29.12 -19.25
N PHE B 34 -30.87 28.39 -19.86
CA PHE B 34 -29.49 28.87 -20.14
C PHE B 34 -29.26 28.66 -21.63
N PRO B 35 -29.98 29.43 -22.48
CA PRO B 35 -29.85 29.30 -23.92
C PRO B 35 -28.43 29.62 -24.43
N ASP B 36 -27.62 30.41 -23.71
CA ASP B 36 -26.26 30.79 -24.20
C ASP B 36 -25.17 29.92 -23.56
N ASN B 37 -25.54 28.94 -22.74
CA ASN B 37 -24.62 27.94 -22.14
C ASN B 37 -23.92 27.22 -23.28
N HIS B 38 -22.61 26.99 -23.14
CA HIS B 38 -21.86 26.20 -24.14
C HIS B 38 -22.60 24.89 -24.35
N PRO B 39 -22.61 24.36 -25.59
CA PRO B 39 -23.19 23.06 -25.87
C PRO B 39 -22.71 21.96 -24.93
N THR B 40 -21.45 21.98 -24.46
CA THR B 40 -20.94 20.87 -23.60
C THR B 40 -21.32 21.09 -22.14
N CYS B 41 -21.82 22.26 -21.74
CA CYS B 41 -22.17 22.55 -20.34
C CYS B 41 -23.56 22.05 -19.96
N THR B 42 -23.66 21.48 -18.79
CA THR B 42 -24.93 21.14 -18.15
C THR B 42 -24.98 21.93 -16.84
N PRO B 43 -26.18 22.19 -16.29
CA PRO B 43 -27.47 21.82 -16.91
C PRO B 43 -27.90 22.85 -17.98
N LYS B 44 -28.97 22.59 -18.77
CA LYS B 44 -29.52 23.61 -19.76
C LYS B 44 -30.61 24.47 -19.12
N SER B 45 -31.05 24.02 -17.94
CA SER B 45 -32.06 24.71 -17.15
C SER B 45 -31.97 24.25 -15.69
N THR B 46 -32.48 25.07 -14.76
CA THR B 46 -32.64 24.67 -13.34
C THR B 46 -33.81 25.47 -12.75
N ILE B 47 -34.51 24.87 -11.81
CA ILE B 47 -35.57 25.51 -11.01
C ILE B 47 -34.93 26.26 -9.84
N THR B 48 -35.35 27.50 -9.60
CA THR B 48 -35.10 28.22 -8.33
C THR B 48 -36.30 27.94 -7.44
N ASP B 49 -36.06 27.49 -6.23
CA ASP B 49 -37.14 27.29 -5.23
C ASP B 49 -37.59 28.62 -4.62
N VAL B 50 -36.80 29.70 -4.76
CA VAL B 50 -37.10 30.98 -4.08
C VAL B 50 -36.95 32.12 -5.09
N GLU B 51 -37.54 33.24 -4.72
CA GLU B 51 -37.49 34.47 -5.53
C GLU B 51 -36.09 35.00 -5.48
N ILE B 52 -35.50 35.36 -6.60
CA ILE B 52 -34.12 35.87 -6.66
C ILE B 52 -34.08 37.02 -7.63
N CYS B 53 -33.01 37.80 -7.50
CA CYS B 53 -32.50 38.68 -8.57
C CYS B 53 -31.30 37.97 -9.19
N ARG B 54 -31.40 37.52 -10.43
CA ARG B 54 -30.27 36.91 -11.17
C ARG B 54 -29.44 37.99 -11.86
N VAL B 55 -28.14 38.07 -11.56
CA VAL B 55 -27.21 39.07 -12.15
C VAL B 55 -26.17 38.35 -13.01
N ALA B 56 -26.00 38.77 -14.27
CA ALA B 56 -25.04 38.12 -15.19
C ALA B 56 -24.03 39.14 -15.67
N MET B 57 -22.77 38.72 -15.66
CA MET B 57 -21.63 39.63 -15.79
C MET B 57 -20.57 38.96 -16.65
N PHE B 58 -19.81 39.85 -17.28
CA PHE B 58 -18.59 39.51 -18.02
C PHE B 58 -17.47 40.24 -17.33
N VAL B 59 -16.46 39.50 -16.87
CA VAL B 59 -15.36 40.10 -16.06
C VAL B 59 -14.06 39.92 -16.82
N THR B 60 -13.35 41.01 -17.08
CA THR B 60 -12.01 41.09 -17.72
C THR B 60 -11.01 40.74 -16.63
N THR B 61 -10.18 39.73 -16.84
CA THR B 61 -9.08 39.35 -15.89
C THR B 61 -7.71 39.72 -16.45
N GLY B 62 -7.61 39.97 -17.76
CA GLY B 62 -6.39 40.40 -18.46
C GLY B 62 -6.74 40.69 -19.91
N PRO B 63 -5.76 41.07 -20.73
CA PRO B 63 -6.05 41.42 -22.12
C PRO B 63 -6.60 40.24 -22.92
N LYS B 64 -6.34 39.00 -22.49
CA LYS B 64 -6.81 37.80 -23.22
C LYS B 64 -7.47 36.82 -22.25
N SER B 65 -7.98 37.29 -21.12
CA SER B 65 -8.62 36.34 -20.19
C SER B 65 -9.84 37.01 -19.57
N ASN B 66 -10.85 36.24 -19.26
CA ASN B 66 -12.09 36.79 -18.74
C ASN B 66 -12.94 35.68 -18.17
N LEU B 67 -13.94 36.07 -17.43
CA LEU B 67 -14.91 35.19 -16.76
C LEU B 67 -16.32 35.61 -17.22
N THR B 68 -17.22 34.67 -17.14
CA THR B 68 -18.68 34.87 -16.98
C THR B 68 -18.93 34.60 -15.51
N LEU B 69 -19.59 35.54 -14.86
CA LEU B 69 -19.95 35.44 -13.43
C LEU B 69 -21.45 35.66 -13.27
N GLU B 70 -22.10 34.80 -12.50
CA GLU B 70 -23.49 35.07 -12.06
C GLU B 70 -23.59 35.16 -10.54
N ALA B 71 -24.49 36.04 -10.08
CA ALA B 71 -24.89 36.15 -8.68
C ALA B 71 -26.41 36.03 -8.62
N TRP B 72 -26.89 35.12 -7.80
CA TRP B 72 -28.32 34.89 -7.54
C TRP B 72 -28.59 35.40 -6.13
N LEU B 73 -29.36 36.49 -6.03
CA LEU B 73 -29.61 37.24 -4.77
C LEU B 73 -31.04 37.03 -4.30
N PRO B 74 -31.28 36.19 -3.28
CA PRO B 74 -32.63 35.94 -2.82
C PRO B 74 -33.29 37.19 -2.19
N SER B 75 -34.60 37.37 -2.38
CA SER B 75 -35.30 38.49 -1.67
C SER B 75 -35.32 38.18 -0.18
N ASN B 76 -35.40 36.91 0.20
CA ASN B 76 -35.33 36.48 1.61
C ASN B 76 -33.87 36.07 1.92
N TRP B 77 -33.01 37.06 2.19
CA TRP B 77 -31.55 36.88 2.39
C TRP B 77 -31.26 36.63 3.88
N THR B 78 -30.42 35.65 4.18
CA THR B 78 -29.97 35.36 5.56
C THR B 78 -28.82 36.27 5.94
N GLY B 79 -28.27 37.00 4.97
CA GLY B 79 -27.02 37.74 5.15
C GLY B 79 -25.80 36.93 4.71
N ARG B 80 -25.92 35.61 4.56
CA ARG B 80 -24.77 34.72 4.19
C ARG B 80 -24.36 34.92 2.71
N PHE B 81 -23.05 34.82 2.43
CA PHE B 81 -22.51 34.78 1.06
C PHE B 81 -22.04 33.36 0.78
N LEU B 82 -22.26 32.84 -0.43
CA LEU B 82 -21.80 31.51 -0.88
C LEU B 82 -21.20 31.63 -2.26
N SER B 83 -20.01 31.11 -2.45
CA SER B 83 -19.44 30.84 -3.78
C SER B 83 -19.55 29.34 -4.03
N THR B 84 -19.84 29.03 -5.31
CA THR B 84 -19.71 27.69 -5.92
C THR B 84 -18.45 27.66 -6.77
N GLY B 85 -18.23 26.50 -7.35
CA GLY B 85 -17.07 26.30 -8.24
C GLY B 85 -17.40 25.35 -9.35
N ASN B 86 -16.41 24.65 -9.84
CA ASN B 86 -16.48 24.09 -11.20
C ASN B 86 -16.19 22.59 -11.18
N GLY B 87 -16.12 22.02 -12.37
CA GLY B 87 -15.94 20.58 -12.58
C GLY B 87 -15.06 20.31 -13.78
N GLY B 88 -14.27 19.27 -13.68
CA GLY B 88 -13.38 18.78 -14.72
C GLY B 88 -12.43 19.87 -15.19
N MET B 89 -12.36 20.04 -16.51
N MET B 89 -12.36 20.02 -16.51
CA MET B 89 -11.54 21.08 -17.16
CA MET B 89 -11.56 21.06 -17.21
C MET B 89 -12.46 22.23 -17.61
C MET B 89 -12.45 22.26 -17.59
N ALA B 90 -13.67 22.31 -17.08
CA ALA B 90 -14.66 23.33 -17.48
C ALA B 90 -14.52 24.56 -16.57
N GLY B 91 -15.14 25.72 -16.95
CA GLY B 91 -15.79 25.95 -18.23
C GLY B 91 -17.30 26.15 -18.11
N CYS B 92 -17.92 25.74 -16.99
CA CYS B 92 -19.42 25.72 -16.82
C CYS B 92 -19.78 26.21 -15.42
N ILE B 93 -20.67 27.19 -15.33
CA ILE B 93 -21.23 27.56 -14.01
C ILE B 93 -22.08 26.36 -13.53
N GLN B 94 -21.93 25.93 -12.27
CA GLN B 94 -22.71 24.78 -11.74
C GLN B 94 -24.03 25.36 -11.22
N TYR B 95 -24.94 25.63 -12.15
CA TYR B 95 -26.17 26.38 -11.88
C TYR B 95 -27.02 25.59 -10.88
N ASP B 96 -26.98 24.27 -10.84
CA ASP B 96 -27.77 23.54 -9.82
C ASP B 96 -27.22 23.87 -8.44
N ASP B 97 -25.91 24.08 -8.31
CA ASP B 97 -25.31 24.49 -7.00
C ASP B 97 -25.66 25.95 -6.66
N VAL B 98 -25.64 26.85 -7.63
CA VAL B 98 -26.07 28.27 -7.40
C VAL B 98 -27.53 28.29 -6.91
N ALA B 99 -28.41 27.52 -7.55
CA ALA B 99 -29.83 27.41 -7.18
C ALA B 99 -29.95 26.83 -5.77
N TYR B 100 -29.16 25.83 -5.45
CA TYR B 100 -29.14 25.15 -4.13
C TYR B 100 -28.84 26.17 -3.04
N GLY B 101 -27.82 27.00 -3.25
CA GLY B 101 -27.43 28.07 -2.32
C GLY B 101 -28.53 29.11 -2.20
N ALA B 102 -29.08 29.61 -3.33
CA ALA B 102 -30.14 30.63 -3.26
C ALA B 102 -31.32 30.07 -2.46
N GLY B 103 -31.66 28.81 -2.69
CA GLY B 103 -32.76 28.09 -2.01
C GLY B 103 -32.64 28.14 -0.50
N PHE B 104 -31.41 28.23 0.04
CA PHE B 104 -31.14 28.33 1.51
C PHE B 104 -30.96 29.78 1.96
N GLY B 105 -31.15 30.75 1.07
CA GLY B 105 -31.11 32.15 1.43
C GLY B 105 -29.72 32.72 1.40
N PHE B 106 -28.79 32.05 0.73
CA PHE B 106 -27.46 32.63 0.52
C PHE B 106 -27.50 33.53 -0.70
N ALA B 107 -26.81 34.67 -0.66
CA ALA B 107 -26.43 35.36 -1.90
C ALA B 107 -25.32 34.53 -2.56
N THR B 108 -25.58 33.92 -3.72
CA THR B 108 -24.75 32.83 -4.29
C THR B 108 -24.14 33.21 -5.64
N VAL B 109 -22.84 33.01 -5.78
CA VAL B 109 -22.15 33.26 -7.07
C VAL B 109 -21.56 31.96 -7.61
N GLY B 110 -21.39 31.96 -8.91
CA GLY B 110 -20.69 30.95 -9.68
C GLY B 110 -20.08 31.58 -10.90
N ALA B 111 -18.82 31.24 -11.18
CA ALA B 111 -18.18 31.74 -12.40
C ALA B 111 -17.80 30.53 -13.26
N ASN B 112 -17.42 30.79 -14.50
CA ASN B 112 -17.24 29.71 -15.48
C ASN B 112 -15.81 29.19 -15.47
N ASN B 113 -14.97 29.64 -14.54
CA ASN B 113 -13.55 29.16 -14.46
C ASN B 113 -12.66 29.71 -15.57
N GLY B 114 -13.09 30.71 -16.32
CA GLY B 114 -12.24 31.52 -17.21
C GLY B 114 -12.31 31.10 -18.68
N HIS B 115 -13.17 30.15 -19.01
CA HIS B 115 -13.50 29.75 -20.40
C HIS B 115 -14.86 29.03 -20.41
N ASN B 116 -15.41 28.80 -21.61
CA ASN B 116 -16.71 28.14 -21.78
C ASN B 116 -16.47 26.73 -22.29
N GLY B 117 -17.10 25.76 -21.65
CA GLY B 117 -17.17 24.41 -22.19
C GLY B 117 -16.18 23.48 -21.51
N THR B 118 -16.31 22.19 -21.77
CA THR B 118 -15.61 21.13 -21.00
C THR B 118 -14.19 20.87 -21.52
N SER B 119 -13.76 21.54 -22.58
CA SER B 119 -12.41 21.39 -23.17
C SER B 119 -11.44 22.41 -22.55
N ALA B 120 -10.13 22.04 -22.43
CA ALA B 120 -9.07 22.95 -21.95
C ALA B 120 -8.37 23.63 -23.12
N VAL B 121 -8.86 23.49 -24.34
CA VAL B 121 -8.07 23.99 -25.51
C VAL B 121 -7.83 25.50 -25.40
N SER B 122 -8.72 26.27 -24.76
CA SER B 122 -8.54 27.73 -24.51
C SER B 122 -7.30 28.01 -23.63
N MET B 123 -6.77 27.04 -22.90
CA MET B 123 -5.53 27.24 -22.09
C MET B 123 -4.27 27.23 -22.97
N TYR B 124 -4.37 26.69 -24.19
CA TYR B 124 -3.17 26.57 -25.07
C TYR B 124 -2.66 27.97 -25.37
N LYS B 125 -1.41 28.24 -25.00
CA LYS B 125 -0.65 29.51 -25.25
C LYS B 125 -1.39 30.69 -24.62
N ASN B 126 -2.14 30.46 -23.57
CA ASN B 126 -2.88 31.55 -22.87
C ASN B 126 -2.86 31.29 -21.36
N SER B 127 -1.85 31.82 -20.70
CA SER B 127 -1.59 31.62 -19.25
C SER B 127 -2.63 32.39 -18.43
N GLY B 128 -3.24 33.44 -19.00
CA GLY B 128 -4.35 34.13 -18.33
C GLY B 128 -5.55 33.19 -18.13
N VAL B 129 -5.91 32.42 -19.12
CA VAL B 129 -7.05 31.48 -19.03
C VAL B 129 -6.66 30.37 -18.02
N VAL B 130 -5.39 29.96 -18.02
CA VAL B 130 -4.85 28.97 -17.02
C VAL B 130 -4.96 29.56 -15.62
N GLU B 131 -4.60 30.82 -15.45
CA GLU B 131 -4.54 31.50 -14.15
C GLU B 131 -5.95 31.54 -13.58
N ASP B 132 -6.91 31.87 -14.44
CA ASP B 132 -8.35 31.91 -14.06
C ASP B 132 -8.79 30.50 -13.59
N TYR B 133 -8.40 29.46 -14.29
CA TYR B 133 -8.77 28.06 -13.94
C TYR B 133 -8.16 27.74 -12.57
N VAL B 134 -6.89 28.08 -12.38
CA VAL B 134 -6.14 27.56 -11.21
C VAL B 134 -6.67 28.27 -9.94
N TYR B 135 -6.86 29.59 -9.94
CA TYR B 135 -7.28 30.34 -8.72
C TYR B 135 -8.11 31.59 -9.02
N ARG B 136 -7.89 32.27 -10.12
CA ARG B 136 -8.31 33.69 -10.23
C ARG B 136 -9.81 33.79 -10.50
N SER B 137 -10.43 32.77 -11.09
CA SER B 137 -11.90 32.76 -11.31
C SER B 137 -12.64 32.74 -9.97
N VAL B 138 -12.37 31.73 -9.15
CA VAL B 138 -13.10 31.56 -7.87
C VAL B 138 -12.81 32.76 -6.98
N HIS B 139 -11.57 33.21 -6.94
CA HIS B 139 -11.16 34.37 -6.10
C HIS B 139 -11.85 35.68 -6.59
N THR B 140 -11.80 35.97 -7.90
CA THR B 140 -12.39 37.22 -8.44
C THR B 140 -13.91 37.18 -8.27
N GLY B 141 -14.52 36.03 -8.51
CA GLY B 141 -15.95 35.84 -8.26
C GLY B 141 -16.34 36.16 -6.83
N THR B 142 -15.52 35.77 -5.87
CA THR B 142 -15.80 35.98 -4.43
C THR B 142 -15.67 37.48 -4.12
N VAL B 143 -14.59 38.12 -4.55
CA VAL B 143 -14.35 39.57 -4.31
C VAL B 143 -15.50 40.40 -4.90
N LEU B 144 -15.82 40.16 -6.17
CA LEU B 144 -16.89 40.90 -6.90
C LEU B 144 -18.26 40.51 -6.33
N GLY B 145 -18.48 39.24 -6.00
CA GLY B 145 -19.71 38.70 -5.37
C GLY B 145 -20.01 39.45 -4.06
N LYS B 146 -19.01 39.65 -3.23
CA LYS B 146 -19.19 40.33 -1.92
C LYS B 146 -19.56 41.82 -2.15
N GLU B 147 -18.85 42.49 -3.05
CA GLU B 147 -19.06 43.91 -3.37
C GLU B 147 -20.47 44.12 -3.92
N LEU B 148 -20.91 43.31 -4.88
CA LEU B 148 -22.26 43.52 -5.45
C LEU B 148 -23.32 43.08 -4.43
N THR B 149 -23.05 42.11 -3.56
CA THR B 149 -24.04 41.73 -2.50
C THR B 149 -24.27 42.93 -1.56
N LYS B 150 -23.19 43.57 -1.13
CA LYS B 150 -23.28 44.78 -0.26
C LYS B 150 -24.03 45.88 -1.02
N LYS B 151 -23.76 46.04 -2.32
CA LYS B 151 -24.48 47.09 -3.11
C LYS B 151 -25.96 46.80 -3.21
N PHE B 152 -26.33 45.56 -3.44
CA PHE B 152 -27.75 45.17 -3.63
C PHE B 152 -28.52 45.38 -2.33
N TYR B 153 -28.02 44.82 -1.24
CA TYR B 153 -28.77 44.74 0.03
C TYR B 153 -28.52 45.98 0.91
N GLY B 154 -27.53 46.82 0.60
CA GLY B 154 -27.25 48.05 1.37
C GLY B 154 -26.48 47.72 2.65
N LYS B 155 -25.98 46.50 2.80
CA LYS B 155 -25.10 46.14 3.93
C LYS B 155 -24.25 44.90 3.58
N LYS B 156 -23.21 44.70 4.39
CA LYS B 156 -22.13 43.69 4.19
C LYS B 156 -22.76 42.33 4.48
N HIS B 157 -22.32 41.25 3.82
CA HIS B 157 -22.67 39.86 4.22
C HIS B 157 -22.23 39.61 5.67
N THR B 158 -22.86 38.67 6.37
CA THR B 158 -22.51 38.29 7.75
C THR B 158 -21.32 37.32 7.75
N LYS B 159 -21.38 36.27 6.93
CA LYS B 159 -20.40 35.16 6.89
C LYS B 159 -20.27 34.72 5.43
N SER B 160 -19.08 34.32 4.99
CA SER B 160 -18.75 33.92 3.60
C SER B 160 -18.54 32.40 3.59
N TYR B 161 -19.18 31.69 2.66
CA TYR B 161 -19.05 30.22 2.54
C TYR B 161 -18.68 29.83 1.12
N TYR B 162 -17.93 28.74 0.99
CA TYR B 162 -17.64 28.08 -0.31
C TYR B 162 -18.16 26.64 -0.30
N LEU B 163 -18.73 26.23 -1.43
CA LEU B 163 -19.23 24.86 -1.64
C LEU B 163 -18.80 24.37 -3.02
N GLY B 164 -17.96 23.31 -3.04
CA GLY B 164 -17.59 22.72 -4.33
C GLY B 164 -17.06 21.31 -4.21
N CYS B 165 -17.05 20.60 -5.31
CA CYS B 165 -16.71 19.16 -5.38
C CYS B 165 -15.85 18.89 -6.62
N SER B 166 -14.84 18.04 -6.46
N SER B 166 -14.86 18.00 -6.48
CA SER B 166 -13.91 17.55 -7.53
CA SER B 166 -13.95 17.57 -7.57
C SER B 166 -12.94 18.65 -7.96
C SER B 166 -13.05 18.74 -7.93
N THR B 167 -12.99 19.17 -9.18
CA THR B 167 -12.30 20.46 -9.49
C THR B 167 -12.71 21.51 -8.46
N GLY B 168 -13.99 21.57 -8.08
CA GLY B 168 -14.48 22.52 -7.09
C GLY B 168 -13.98 22.23 -5.68
N GLY B 169 -13.70 20.96 -5.35
CA GLY B 169 -12.98 20.65 -4.10
C GLY B 169 -11.56 21.19 -4.12
N ARG B 170 -10.85 21.00 -5.19
CA ARG B 170 -9.50 21.60 -5.32
C ARG B 170 -9.62 23.10 -5.14
N GLN B 171 -10.58 23.75 -5.80
CA GLN B 171 -10.74 25.23 -5.72
C GLN B 171 -10.98 25.63 -4.24
N GLY B 172 -11.79 24.90 -3.50
CA GLY B 172 -12.02 25.14 -2.06
C GLY B 172 -10.69 25.08 -1.33
N TRP B 173 -9.84 24.07 -1.62
CA TRP B 173 -8.53 23.91 -0.95
C TRP B 173 -7.57 25.01 -1.40
N LYS B 174 -7.64 25.48 -2.64
CA LYS B 174 -6.82 26.63 -3.10
C LYS B 174 -7.18 27.85 -2.25
N GLU B 175 -8.48 28.02 -1.93
CA GLU B 175 -8.98 29.17 -1.12
C GLU B 175 -8.42 29.03 0.29
N ALA B 176 -8.58 27.88 0.94
CA ALA B 176 -8.11 27.68 2.34
C ALA B 176 -6.57 27.83 2.41
N GLN B 177 -5.82 27.34 1.44
CA GLN B 177 -4.34 27.35 1.43
C GLN B 177 -3.80 28.74 1.12
N SER B 178 -4.38 29.44 0.14
CA SER B 178 -3.75 30.60 -0.51
C SER B 178 -4.63 31.85 -0.43
N PHE B 179 -5.93 31.75 -0.13
CA PHE B 179 -6.80 32.94 0.03
C PHE B 179 -7.58 32.82 1.32
N PRO B 180 -6.90 32.72 2.48
CA PRO B 180 -7.56 32.31 3.72
C PRO B 180 -8.63 33.31 4.14
N ASP B 181 -8.53 34.58 3.70
CA ASP B 181 -9.47 35.66 4.12
C ASP B 181 -10.75 35.60 3.30
N ASP B 182 -10.82 34.82 2.22
CA ASP B 182 -12.01 34.82 1.32
C ASP B 182 -13.24 34.19 2.00
N PHE B 183 -13.11 33.15 2.81
CA PHE B 183 -14.20 32.32 3.37
C PHE B 183 -14.00 32.08 4.85
N ASP B 184 -15.11 32.13 5.58
CA ASP B 184 -15.22 31.74 7.00
C ASP B 184 -15.40 30.24 7.04
N GLY B 185 -16.04 29.68 6.00
CA GLY B 185 -16.36 28.25 5.95
C GLY B 185 -16.24 27.71 4.54
N ILE B 186 -15.61 26.55 4.39
CA ILE B 186 -15.41 25.85 3.11
C ILE B 186 -15.94 24.41 3.22
N VAL B 187 -16.73 23.97 2.23
CA VAL B 187 -16.97 22.53 1.96
C VAL B 187 -16.19 22.18 0.69
N ALA B 188 -15.22 21.27 0.82
CA ALA B 188 -14.33 20.83 -0.27
C ALA B 188 -14.55 19.33 -0.46
N GLY B 189 -15.34 18.94 -1.47
CA GLY B 189 -15.65 17.52 -1.73
C GLY B 189 -14.72 16.92 -2.78
N ALA B 190 -14.30 15.67 -2.57
CA ALA B 190 -13.57 14.76 -3.50
C ALA B 190 -12.52 15.55 -4.27
N PRO B 191 -11.64 16.32 -3.59
CA PRO B 191 -10.92 17.37 -4.28
C PRO B 191 -9.84 16.87 -5.26
N ALA B 192 -9.77 17.54 -6.41
CA ALA B 192 -8.77 17.37 -7.48
C ALA B 192 -7.47 18.04 -7.06
N MET B 193 -7.14 17.97 -5.76
CA MET B 193 -5.85 18.47 -5.23
C MET B 193 -4.71 17.49 -5.52
N ARG B 194 -3.46 17.94 -5.33
CA ARG B 194 -2.31 17.27 -5.96
C ARG B 194 -2.64 17.15 -7.43
N PHE B 195 -3.08 18.24 -8.02
CA PHE B 195 -3.72 18.21 -9.35
C PHE B 195 -2.78 17.69 -10.43
N ASN B 196 -1.51 18.11 -10.48
CA ASN B 196 -0.60 17.52 -11.49
C ASN B 196 -0.43 16.02 -11.22
N GLY B 197 -0.26 15.60 -9.98
CA GLY B 197 -0.24 14.18 -9.62
C GLY B 197 -1.48 13.45 -10.10
N LEU B 198 -2.63 14.12 -9.98
CA LEU B 198 -3.91 13.51 -10.39
C LEU B 198 -3.93 13.32 -11.94
N GLN B 199 -3.51 14.34 -12.68
CA GLN B 199 -3.42 14.29 -14.15
C GLN B 199 -2.45 13.14 -14.54
N SER B 200 -1.27 13.06 -13.92
CA SER B 200 -0.28 11.97 -14.09
C SER B 200 -0.97 10.65 -13.80
N ARG B 201 -1.64 10.55 -12.66
CA ARG B 201 -2.32 9.31 -12.20
C ARG B 201 -3.38 8.91 -13.24
N SER B 202 -4.17 9.88 -13.67
CA SER B 202 -5.35 9.65 -14.56
C SER B 202 -4.85 9.27 -15.96
N GLY B 203 -3.86 9.99 -16.47
CA GLY B 203 -3.21 9.65 -17.77
C GLY B 203 -2.48 8.30 -17.75
N SER B 204 -1.86 7.91 -16.60
CA SER B 204 -1.05 6.69 -16.50
C SER B 204 -1.87 5.45 -16.87
N PHE B 205 -3.17 5.44 -16.57
CA PHE B 205 -3.97 4.19 -16.66
C PHE B 205 -3.99 3.66 -18.10
N TRP B 206 -4.20 4.52 -19.09
CA TRP B 206 -4.21 4.14 -20.53
C TRP B 206 -2.86 3.50 -20.92
N GLY B 207 -1.74 4.02 -20.39
CA GLY B 207 -0.39 3.49 -20.60
C GLY B 207 -0.26 2.14 -19.96
N ILE B 208 -0.91 1.96 -18.82
CA ILE B 208 -0.88 0.67 -18.08
C ILE B 208 -1.72 -0.36 -18.85
N THR B 209 -2.95 0.00 -19.19
CA THR B 209 -3.93 -0.97 -19.77
C THR B 209 -3.55 -1.24 -21.24
N GLY B 210 -2.98 -0.26 -21.92
CA GLY B 210 -2.92 -0.27 -23.38
C GLY B 210 -4.31 -0.14 -23.98
N PRO B 211 -4.40 -0.08 -25.35
CA PRO B 211 -5.68 0.01 -26.07
C PRO B 211 -6.51 -1.27 -25.98
N PRO B 212 -7.81 -1.26 -26.37
CA PRO B 212 -8.63 -2.49 -26.40
C PRO B 212 -7.93 -3.51 -27.32
N GLY B 213 -7.95 -4.77 -26.88
CA GLY B 213 -7.23 -5.85 -27.57
C GLY B 213 -5.80 -6.08 -27.10
N ALA B 214 -5.09 -5.13 -26.44
CA ALA B 214 -3.74 -5.39 -25.87
C ALA B 214 -3.90 -6.44 -24.78
N PRO B 215 -2.88 -7.28 -24.53
CA PRO B 215 -2.98 -8.35 -23.52
C PRO B 215 -3.16 -7.79 -22.09
N THR B 216 -2.82 -6.51 -21.89
CA THR B 216 -2.83 -5.80 -20.59
C THR B 216 -4.24 -5.19 -20.37
N HIS B 217 -5.10 -5.15 -21.41
CA HIS B 217 -6.39 -4.42 -21.34
C HIS B 217 -7.45 -5.26 -20.65
N LEU B 218 -8.28 -4.58 -19.88
CA LEU B 218 -9.54 -5.15 -19.31
C LEU B 218 -10.70 -4.39 -19.95
N SER B 219 -11.64 -5.16 -20.50
CA SER B 219 -12.93 -4.67 -21.01
C SER B 219 -13.76 -4.18 -19.84
N PRO B 220 -14.80 -3.37 -20.08
CA PRO B 220 -15.73 -3.03 -19.01
C PRO B 220 -16.20 -4.26 -18.23
N GLU B 221 -16.56 -5.37 -18.89
CA GLU B 221 -17.11 -6.56 -18.19
C GLU B 221 -16.02 -7.17 -17.31
N GLU B 222 -14.78 -7.15 -17.81
CA GLU B 222 -13.61 -7.70 -17.09
C GLU B 222 -13.43 -6.86 -15.83
N TRP B 223 -13.52 -5.53 -15.93
CA TRP B 223 -13.38 -4.70 -14.71
C TRP B 223 -14.51 -5.00 -13.75
N ALA B 224 -15.73 -5.22 -14.25
CA ALA B 224 -16.90 -5.49 -13.37
C ALA B 224 -16.64 -6.79 -12.64
N MET B 225 -16.04 -7.76 -13.31
CA MET B 225 -15.65 -9.07 -12.70
C MET B 225 -14.63 -8.87 -11.57
N VAL B 226 -13.63 -8.00 -11.81
CA VAL B 226 -12.63 -7.64 -10.75
C VAL B 226 -13.38 -7.07 -9.56
N GLN B 227 -14.29 -6.10 -9.80
CA GLN B 227 -14.95 -5.35 -8.71
C GLN B 227 -15.75 -6.37 -7.92
N LYS B 228 -16.40 -7.33 -8.58
CA LYS B 228 -17.19 -8.36 -7.86
C LYS B 228 -16.26 -9.18 -6.98
N ASN B 229 -15.07 -9.52 -7.45
CA ASN B 229 -14.10 -10.34 -6.69
C ASN B 229 -13.50 -9.50 -5.54
N VAL B 230 -13.29 -8.20 -5.76
CA VAL B 230 -12.91 -7.29 -4.65
C VAL B 230 -13.88 -7.47 -3.50
N LEU B 231 -15.17 -7.44 -3.78
CA LEU B 231 -16.14 -7.54 -2.66
C LEU B 231 -15.97 -8.90 -1.96
N VAL B 232 -15.74 -9.99 -2.71
CA VAL B 232 -15.51 -11.32 -2.07
C VAL B 232 -14.36 -11.21 -1.06
N GLN B 233 -13.23 -10.63 -1.50
CA GLN B 233 -12.00 -10.53 -0.66
C GLN B 233 -12.13 -9.47 0.44
N CYS B 234 -12.79 -8.34 0.18
CA CYS B 234 -12.59 -7.10 1.00
C CYS B 234 -13.86 -6.52 1.62
N ASP B 235 -15.04 -7.03 1.28
CA ASP B 235 -16.27 -6.44 1.81
C ASP B 235 -16.54 -7.10 3.17
N GLU B 236 -17.33 -8.16 3.20
CA GLU B 236 -17.74 -8.73 4.49
C GLU B 236 -16.56 -9.18 5.33
N PRO B 237 -15.51 -9.79 4.77
CA PRO B 237 -14.38 -10.21 5.58
C PRO B 237 -13.67 -9.06 6.33
N LEU B 238 -13.77 -7.81 5.85
CA LEU B 238 -13.05 -6.66 6.50
C LEU B 238 -13.99 -5.79 7.33
N ASP B 239 -15.27 -5.65 7.01
CA ASP B 239 -16.19 -4.78 7.79
C ASP B 239 -17.43 -5.55 8.30
N GLY B 240 -17.55 -6.86 8.01
CA GLY B 240 -18.67 -7.67 8.55
C GLY B 240 -19.98 -7.50 7.79
N VAL B 241 -20.11 -6.55 6.86
CA VAL B 241 -21.44 -6.22 6.28
C VAL B 241 -21.41 -6.42 4.78
N ALA B 242 -22.14 -7.41 4.28
CA ALA B 242 -22.08 -7.78 2.85
C ALA B 242 -23.01 -6.86 2.08
N ASP B 243 -22.69 -5.58 2.04
CA ASP B 243 -23.55 -4.54 1.41
C ASP B 243 -22.94 -4.04 0.10
N GLY B 244 -21.82 -4.60 -0.34
CA GLY B 244 -21.13 -4.15 -1.58
C GLY B 244 -20.31 -2.89 -1.38
N ILE B 245 -20.09 -2.50 -0.13
CA ILE B 245 -19.48 -1.19 0.27
C ILE B 245 -18.32 -1.50 1.19
N LEU B 246 -17.12 -1.05 0.82
CA LEU B 246 -15.95 -1.15 1.69
C LEU B 246 -16.02 0.02 2.67
N GLU B 247 -16.28 -0.27 3.95
CA GLU B 247 -16.42 0.82 4.96
C GLU B 247 -15.06 1.54 5.16
N ASP B 248 -13.97 0.79 5.05
CA ASP B 248 -12.58 1.31 5.14
C ASP B 248 -11.70 0.60 4.12
N PRO B 249 -11.56 1.15 2.89
CA PRO B 249 -10.69 0.58 1.86
C PRO B 249 -9.22 0.43 2.25
N ASN B 250 -8.80 1.10 3.33
CA ASN B 250 -7.38 0.99 3.74
C ASN B 250 -7.04 -0.42 4.22
N LEU B 251 -8.04 -1.25 4.56
CA LEU B 251 -7.77 -2.63 5.03
C LEU B 251 -7.67 -3.57 3.83
N CYS B 252 -8.05 -3.09 2.64
CA CYS B 252 -8.17 -3.89 1.40
C CYS B 252 -6.87 -3.81 0.60
N GLN B 253 -6.23 -4.97 0.48
CA GLN B 253 -5.12 -5.25 -0.50
C GLN B 253 -5.61 -6.40 -1.39
N TYR B 254 -6.05 -6.04 -2.57
CA TYR B 254 -6.80 -6.97 -3.46
C TYR B 254 -5.78 -7.91 -4.13
N ARG B 255 -6.12 -9.20 -4.23
CA ARG B 255 -5.27 -10.25 -4.85
C ARG B 255 -5.94 -10.67 -6.16
N PRO B 256 -5.59 -10.06 -7.31
CA PRO B 256 -6.24 -10.39 -8.57
C PRO B 256 -5.90 -11.81 -9.07
N GLU B 257 -4.87 -12.43 -8.49
CA GLU B 257 -4.46 -13.83 -8.81
C GLU B 257 -5.59 -14.78 -8.43
N ALA B 258 -6.55 -14.34 -7.63
CA ALA B 258 -7.78 -15.13 -7.35
C ALA B 258 -8.53 -15.42 -8.66
N LEU B 259 -8.35 -14.59 -9.70
CA LEU B 259 -9.08 -14.71 -11.00
C LEU B 259 -8.21 -15.29 -12.13
N VAL B 260 -7.03 -15.83 -11.83
CA VAL B 260 -5.99 -16.24 -12.83
C VAL B 260 -6.60 -17.28 -13.79
N CYS B 261 -6.41 -17.06 -15.10
CA CYS B 261 -6.63 -18.08 -16.17
C CYS B 261 -5.60 -19.20 -16.00
N THR B 266 -9.40 -17.90 -21.59
CA THR B 266 -9.57 -16.41 -21.57
C THR B 266 -10.99 -16.04 -21.07
N LYS B 267 -11.80 -17.03 -20.66
CA LYS B 267 -13.23 -16.87 -20.25
C LYS B 267 -13.34 -16.60 -18.74
N ASN B 268 -13.87 -15.44 -18.37
CA ASN B 268 -14.16 -15.03 -16.97
C ASN B 268 -12.93 -15.30 -16.08
N CYS B 269 -11.76 -14.86 -16.54
CA CYS B 269 -10.51 -14.99 -15.76
C CYS B 269 -9.58 -13.90 -16.24
N LEU B 270 -8.52 -13.63 -15.44
CA LEU B 270 -7.45 -12.70 -15.85
C LEU B 270 -6.17 -13.48 -16.24
N THR B 271 -5.56 -13.07 -17.33
CA THR B 271 -4.23 -13.53 -17.70
C THR B 271 -3.20 -12.79 -16.81
N GLY B 272 -1.94 -13.22 -16.83
CA GLY B 272 -0.82 -12.58 -16.11
C GLY B 272 -0.71 -11.10 -16.44
N PRO B 273 -0.72 -10.70 -17.74
CA PRO B 273 -0.70 -9.28 -18.11
C PRO B 273 -1.89 -8.52 -17.51
N GLN B 274 -3.09 -9.12 -17.45
CA GLN B 274 -4.28 -8.46 -16.88
C GLN B 274 -4.12 -8.37 -15.33
N ILE B 275 -3.56 -9.39 -14.69
CA ILE B 275 -3.32 -9.34 -13.24
C ILE B 275 -2.36 -8.18 -12.95
N GLU B 276 -1.29 -8.04 -13.75
CA GLU B 276 -0.32 -6.93 -13.64
C GLU B 276 -1.07 -5.59 -13.72
N THR B 277 -1.99 -5.46 -14.67
CA THR B 277 -2.73 -4.20 -14.92
C THR B 277 -3.55 -3.84 -13.67
N VAL B 278 -4.23 -4.83 -13.11
CA VAL B 278 -5.06 -4.62 -11.90
C VAL B 278 -4.15 -4.20 -10.76
N ARG B 279 -3.01 -4.86 -10.59
CA ARG B 279 -2.07 -4.50 -9.47
C ARG B 279 -1.56 -3.06 -9.63
N LYS B 280 -1.40 -2.57 -10.86
CA LYS B 280 -0.93 -1.18 -11.09
C LYS B 280 -2.08 -0.19 -10.86
N VAL B 281 -3.28 -0.52 -11.31
CA VAL B 281 -4.45 0.37 -11.12
C VAL B 281 -4.75 0.50 -9.63
N PHE B 282 -4.71 -0.59 -8.88
CA PHE B 282 -4.90 -0.59 -7.43
C PHE B 282 -3.55 -0.42 -6.72
N GLY B 283 -2.58 0.19 -7.39
CA GLY B 283 -1.23 0.44 -6.90
C GLY B 283 -0.81 1.90 -7.07
N PRO B 284 0.19 2.30 -6.25
CA PRO B 284 0.69 3.66 -6.34
C PRO B 284 1.41 3.93 -7.64
N LEU B 285 1.57 5.21 -7.93
CA LEU B 285 2.28 5.66 -9.13
C LEU B 285 3.56 6.35 -8.67
N TYR B 286 4.69 5.78 -9.04
CA TYR B 286 6.03 6.33 -8.77
C TYR B 286 6.67 6.67 -10.11
N GLY B 287 7.68 7.53 -10.11
CA GLY B 287 8.32 8.05 -11.32
C GLY B 287 9.82 8.08 -11.28
N ASN B 288 10.40 9.06 -11.95
CA ASN B 288 11.87 9.18 -12.10
C ASN B 288 12.54 9.21 -10.70
N ASN B 289 13.65 8.52 -10.57
CA ASN B 289 14.46 8.56 -9.33
C ASN B 289 13.64 8.05 -8.14
N GLY B 290 12.64 7.22 -8.35
CA GLY B 290 11.86 6.65 -7.24
C GLY B 290 10.86 7.64 -6.62
N THR B 291 10.65 8.80 -7.25
N THR B 291 10.64 8.80 -7.24
CA THR B 291 9.75 9.88 -6.77
CA THR B 291 9.78 9.91 -6.73
C THR B 291 8.33 9.31 -6.67
C THR B 291 8.31 9.45 -6.73
N TYR B 292 7.60 9.66 -5.61
CA TYR B 292 6.15 9.32 -5.46
C TYR B 292 5.28 10.34 -6.19
N ILE B 293 4.34 9.88 -7.00
CA ILE B 293 3.46 10.77 -7.83
C ILE B 293 2.06 10.83 -7.21
N TYR B 294 1.44 9.68 -6.94
CA TYR B 294 0.02 9.70 -6.54
C TYR B 294 -0.37 8.32 -6.11
N PRO B 295 -1.34 8.13 -5.21
CA PRO B 295 -1.66 6.77 -4.76
C PRO B 295 -2.45 5.95 -5.80
N ARG B 296 -2.83 4.78 -5.35
CA ARG B 296 -3.75 3.91 -6.07
C ARG B 296 -5.14 4.51 -6.19
N ILE B 297 -5.91 4.00 -7.13
CA ILE B 297 -7.40 3.96 -7.05
C ILE B 297 -7.73 2.87 -6.06
N PRO B 298 -8.59 3.08 -5.09
CA PRO B 298 -8.88 2.03 -4.13
C PRO B 298 -9.75 0.95 -4.78
N PRO B 299 -9.53 -0.32 -4.40
CA PRO B 299 -10.47 -1.38 -4.73
C PRO B 299 -11.85 -0.99 -4.21
N GLY B 300 -12.89 -1.35 -4.96
CA GLY B 300 -14.27 -1.09 -4.51
C GLY B 300 -14.79 0.23 -5.08
N ALA B 301 -13.92 1.07 -5.62
CA ALA B 301 -14.26 2.43 -6.06
C ALA B 301 -14.65 2.38 -7.54
N ASP B 302 -15.90 2.01 -7.84
CA ASP B 302 -16.37 1.70 -9.22
C ASP B 302 -16.92 2.97 -9.89
N GLN B 303 -17.25 4.02 -9.13
CA GLN B 303 -18.09 5.15 -9.61
C GLN B 303 -17.24 6.16 -10.38
N GLY B 304 -17.45 6.25 -11.70
CA GLY B 304 -16.62 7.11 -12.57
C GLY B 304 -15.31 6.44 -12.96
N PHE B 305 -15.13 5.16 -12.56
CA PHE B 305 -13.90 4.38 -12.82
C PHE B 305 -13.65 4.33 -14.33
N GLY B 306 -14.71 4.10 -15.07
CA GLY B 306 -14.67 3.95 -16.54
C GLY B 306 -14.22 5.19 -17.28
N PHE B 307 -14.17 6.37 -16.67
CA PHE B 307 -13.94 7.61 -17.45
C PHE B 307 -12.45 7.68 -17.87
N ALA B 308 -11.51 7.57 -16.93
CA ALA B 308 -10.06 7.54 -17.25
C ALA B 308 -9.57 6.14 -17.62
N ILE B 309 -10.28 5.10 -17.16
CA ILE B 309 -9.87 3.68 -17.35
C ILE B 309 -10.88 2.99 -18.28
N GLY B 310 -10.67 3.14 -19.58
CA GLY B 310 -11.68 2.69 -20.57
C GLY B 310 -11.10 2.40 -21.94
N GLU B 311 -11.94 2.61 -22.97
CA GLU B 311 -11.70 2.08 -24.35
C GLU B 311 -10.99 3.15 -25.16
N GLN B 312 -10.74 4.32 -24.55
CA GLN B 312 -9.94 5.37 -25.28
C GLN B 312 -9.18 6.15 -24.22
N PRO B 313 -8.26 7.02 -24.66
CA PRO B 313 -7.51 7.87 -23.75
C PRO B 313 -8.44 8.80 -22.98
N PHE B 314 -7.95 9.28 -21.83
CA PHE B 314 -8.66 10.23 -20.95
C PHE B 314 -8.44 11.67 -21.44
N PRO B 315 -9.50 12.44 -21.74
CA PRO B 315 -9.29 13.80 -22.25
C PRO B 315 -8.64 14.81 -21.28
N TYR B 316 -8.96 14.75 -19.97
CA TYR B 316 -8.53 15.80 -19.00
C TYR B 316 -7.00 15.78 -18.95
N SER B 317 -6.41 14.60 -18.76
CA SER B 317 -4.93 14.44 -18.70
C SER B 317 -4.28 14.66 -20.06
N THR B 318 -4.92 14.23 -21.16
CA THR B 318 -4.35 14.41 -22.49
C THR B 318 -4.27 15.91 -22.78
N GLU B 319 -5.34 16.66 -22.52
CA GLU B 319 -5.41 18.10 -22.79
C GLU B 319 -4.45 18.83 -21.86
N TRP B 320 -4.31 18.37 -20.62
CA TRP B 320 -3.35 19.00 -19.67
C TRP B 320 -1.93 18.91 -20.24
N PHE B 321 -1.48 17.71 -20.58
CA PHE B 321 -0.10 17.49 -21.07
C PHE B 321 0.10 18.23 -22.40
N GLN B 322 -0.90 18.19 -23.28
CA GLN B 322 -0.83 18.86 -24.60
C GLN B 322 -0.77 20.38 -24.45
N TYR B 323 -1.73 21.00 -23.75
CA TYR B 323 -1.96 22.46 -23.88
C TYR B 323 -1.24 23.26 -22.78
N VAL B 324 -0.90 22.61 -21.65
CA VAL B 324 -0.44 23.35 -20.45
C VAL B 324 1.01 22.96 -20.08
N ILE B 325 1.38 21.67 -20.13
CA ILE B 325 2.68 21.20 -19.57
C ILE B 325 3.73 21.23 -20.70
N TRP B 326 3.44 20.53 -21.79
CA TRP B 326 4.38 20.38 -22.93
C TRP B 326 4.11 21.41 -24.04
N ASN B 327 2.94 22.03 -24.11
CA ASN B 327 2.64 23.11 -25.11
C ASN B 327 2.88 22.51 -26.51
N ASP B 328 2.41 21.29 -26.67
CA ASP B 328 2.61 20.45 -27.88
C ASP B 328 1.27 19.78 -28.16
N THR B 329 0.56 20.24 -29.18
CA THR B 329 -0.76 19.66 -29.55
C THR B 329 -0.62 18.21 -30.04
N LYS B 330 0.58 17.77 -30.41
CA LYS B 330 0.84 16.39 -30.90
C LYS B 330 1.24 15.44 -29.75
N TRP B 331 1.30 15.90 -28.50
CA TRP B 331 1.74 15.00 -27.42
C TRP B 331 0.84 13.79 -27.41
N ASP B 332 1.42 12.61 -27.28
CA ASP B 332 0.74 11.32 -27.47
C ASP B 332 0.43 10.66 -26.14
N PRO B 333 -0.87 10.47 -25.80
CA PRO B 333 -1.27 9.84 -24.55
C PRO B 333 -0.87 8.37 -24.45
N ASN B 334 -0.62 7.71 -25.59
CA ASN B 334 -0.22 6.29 -25.58
C ASN B 334 1.15 6.07 -24.90
N THR B 335 2.07 7.03 -25.02
CA THR B 335 3.47 6.92 -24.53
C THR B 335 3.69 7.72 -23.23
N ILE B 336 2.64 8.04 -22.49
CA ILE B 336 2.74 8.68 -21.14
C ILE B 336 3.73 7.90 -20.28
N GLY B 337 4.56 8.60 -19.54
CA GLY B 337 5.51 7.96 -18.63
C GLY B 337 6.05 8.95 -17.60
N PRO B 338 7.03 8.46 -16.82
CA PRO B 338 7.66 9.23 -15.77
C PRO B 338 8.17 10.61 -16.20
N ASN B 339 8.70 10.78 -17.40
CA ASN B 339 9.16 12.12 -17.83
C ASN B 339 7.98 13.09 -17.87
N ASP B 340 6.78 12.64 -18.18
CA ASP B 340 5.57 13.50 -18.17
C ASP B 340 5.22 13.89 -16.71
N TYR B 341 5.18 12.92 -15.82
CA TYR B 341 4.82 13.17 -14.41
C TYR B 341 5.78 14.19 -13.83
N GLN B 342 7.06 14.02 -14.12
CA GLN B 342 8.11 14.94 -13.62
C GLN B 342 7.92 16.33 -14.24
N LYS B 343 7.63 16.43 -15.53
CA LYS B 343 7.44 17.75 -16.16
C LYS B 343 6.21 18.43 -15.51
N ALA B 344 5.09 17.72 -15.33
CA ALA B 344 3.88 18.36 -14.76
C ALA B 344 4.16 18.90 -13.36
N SER B 345 4.86 18.14 -12.50
N SER B 345 4.87 18.15 -12.52
CA SER B 345 5.21 18.58 -11.13
CA SER B 345 5.19 18.59 -11.13
C SER B 345 6.10 19.83 -11.18
C SER B 345 6.12 19.80 -11.16
N GLU B 346 7.00 19.90 -12.16
CA GLU B 346 7.97 21.02 -12.24
C GLU B 346 7.30 22.24 -12.88
N VAL B 347 6.34 22.09 -13.77
CA VAL B 347 5.74 23.29 -14.42
C VAL B 347 4.70 23.91 -13.47
N ASN B 348 3.76 23.10 -13.02
CA ASN B 348 2.84 23.36 -11.88
C ASN B 348 2.28 24.76 -11.99
N PRO B 349 1.52 25.10 -13.07
CA PRO B 349 1.10 26.47 -13.33
C PRO B 349 0.35 27.11 -12.15
N PHE B 350 0.83 28.28 -11.68
CA PHE B 350 0.21 29.03 -10.57
C PHE B 350 -0.03 28.11 -9.36
N ASN B 351 0.81 27.11 -9.17
CA ASN B 351 0.70 26.15 -8.05
C ASN B 351 -0.70 25.51 -8.04
N VAL B 352 -1.15 25.07 -9.21
CA VAL B 352 -2.39 24.26 -9.31
C VAL B 352 -2.23 22.96 -8.51
N GLU B 353 -1.01 22.51 -8.22
CA GLU B 353 -0.82 21.30 -7.38
C GLU B 353 -1.77 21.41 -6.17
N THR B 354 -1.93 22.59 -5.57
CA THR B 354 -2.86 22.81 -4.43
C THR B 354 -2.55 21.76 -3.34
N TRP B 355 -1.27 21.67 -2.97
CA TRP B 355 -0.79 20.62 -2.01
C TRP B 355 -0.09 21.29 -0.80
N GLU B 356 -0.30 22.58 -0.56
CA GLU B 356 0.28 23.32 0.60
C GLU B 356 -0.30 22.72 1.89
N GLY B 357 0.59 22.22 2.77
CA GLY B 357 0.21 21.60 4.05
C GLY B 357 0.01 22.61 5.18
N ASP B 358 0.48 23.83 4.99
CA ASP B 358 0.50 24.81 6.11
C ASP B 358 -0.73 25.70 6.04
N LEU B 359 -1.74 25.37 6.85
CA LEU B 359 -3.02 26.10 6.86
C LEU B 359 -3.01 27.13 8.02
N SER B 360 -1.84 27.59 8.47
CA SER B 360 -1.73 28.50 9.67
C SER B 360 -2.64 29.71 9.50
N LYS B 361 -2.67 30.36 8.33
CA LYS B 361 -3.42 31.64 8.28
C LYS B 361 -4.91 31.36 8.40
N PHE B 362 -5.39 30.35 7.68
CA PHE B 362 -6.80 29.97 7.67
C PHE B 362 -7.16 29.64 9.11
N ARG B 363 -6.34 28.83 9.77
CA ARG B 363 -6.59 28.45 11.18
C ARG B 363 -6.67 29.69 12.08
N LYS B 364 -5.68 30.57 11.97
CA LYS B 364 -5.49 31.71 12.92
C LYS B 364 -6.68 32.68 12.77
N ARG B 365 -7.23 32.88 11.56
CA ARG B 365 -8.31 33.86 11.42
C ARG B 365 -9.64 33.27 11.93
N GLY B 366 -9.74 31.98 12.21
CA GLY B 366 -10.96 31.37 12.74
C GLY B 366 -11.81 30.70 11.67
N SER B 367 -11.29 30.48 10.47
CA SER B 367 -12.09 29.82 9.39
C SER B 367 -12.12 28.31 9.62
N LYS B 368 -13.15 27.62 9.12
CA LYS B 368 -13.40 26.19 9.24
C LYS B 368 -13.53 25.57 7.84
N ILE B 369 -13.02 24.36 7.68
CA ILE B 369 -13.10 23.59 6.42
C ILE B 369 -13.60 22.18 6.70
N ILE B 370 -14.70 21.83 6.02
CA ILE B 370 -15.21 20.44 5.97
C ILE B 370 -14.79 19.83 4.65
N HIS B 371 -13.83 18.94 4.73
CA HIS B 371 -13.29 18.15 3.60
C HIS B 371 -14.05 16.82 3.61
N TRP B 372 -14.46 16.33 2.46
CA TRP B 372 -15.13 15.00 2.45
C TRP B 372 -14.76 14.32 1.13
N HIS B 373 -14.91 13.02 1.10
CA HIS B 373 -14.62 12.22 -0.12
C HIS B 373 -15.47 10.95 -0.04
N GLY B 374 -16.01 10.56 -1.20
CA GLY B 374 -16.77 9.31 -1.34
C GLY B 374 -15.80 8.17 -1.50
N LEU B 375 -15.96 7.12 -0.68
CA LEU B 375 -15.00 5.99 -0.73
C LEU B 375 -15.24 5.09 -1.99
N GLU B 376 -16.33 5.30 -2.71
CA GLU B 376 -16.65 4.54 -3.95
C GLU B 376 -16.27 5.38 -5.17
N ASP B 377 -15.58 6.50 -4.97
CA ASP B 377 -15.15 7.42 -6.07
C ASP B 377 -13.95 6.79 -6.82
N GLY B 378 -14.15 6.40 -8.08
CA GLY B 378 -13.10 5.81 -8.94
C GLY B 378 -12.59 6.83 -9.93
N LEU B 379 -13.03 8.07 -9.87
CA LEU B 379 -12.50 9.12 -10.78
C LEU B 379 -11.44 9.93 -10.03
N ILE B 380 -11.68 10.26 -8.76
CA ILE B 380 -10.62 10.86 -7.88
C ILE B 380 -10.46 9.97 -6.65
N SER B 381 -9.29 9.34 -6.53
CA SER B 381 -8.96 8.45 -5.40
C SER B 381 -9.21 9.10 -4.03
N SER B 382 -10.06 8.51 -3.22
CA SER B 382 -10.23 8.96 -1.80
C SER B 382 -8.91 8.82 -1.04
N ASP B 383 -8.01 7.95 -1.49
CA ASP B 383 -6.71 7.79 -0.80
C ASP B 383 -5.89 9.08 -0.85
N ASN B 384 -6.05 9.90 -1.87
CA ASN B 384 -5.30 11.17 -1.96
C ASN B 384 -5.77 12.13 -0.86
N SER B 385 -7.07 12.10 -0.53
CA SER B 385 -7.62 13.02 0.47
C SER B 385 -7.03 12.67 1.86
N MET B 386 -6.99 11.38 2.18
N MET B 386 -6.91 11.39 2.21
CA MET B 386 -6.30 10.81 3.37
CA MET B 386 -6.30 10.98 3.52
C MET B 386 -4.88 11.37 3.44
C MET B 386 -4.81 11.34 3.49
N GLU B 387 -4.16 11.25 2.32
CA GLU B 387 -2.72 11.66 2.28
C GLU B 387 -2.61 13.16 2.57
N TYR B 388 -3.54 13.96 2.05
CA TYR B 388 -3.48 15.43 2.29
C TYR B 388 -3.66 15.68 3.80
N TYR B 389 -4.64 15.05 4.44
CA TYR B 389 -4.85 15.23 5.90
C TYR B 389 -3.54 14.99 6.66
N ASN B 390 -2.90 13.85 6.40
CA ASN B 390 -1.64 13.44 7.08
C ASN B 390 -0.51 14.42 6.74
N HIS B 391 -0.51 14.97 5.54
CA HIS B 391 0.48 16.00 5.12
C HIS B 391 0.25 17.25 5.98
N VAL B 392 -1.01 17.63 6.20
CA VAL B 392 -1.31 18.87 6.96
C VAL B 392 -0.87 18.60 8.41
N SER B 393 -1.23 17.44 8.95
CA SER B 393 -0.90 17.06 10.34
C SER B 393 0.62 17.21 10.56
N ALA B 394 1.42 16.65 9.66
CA ALA B 394 2.89 16.65 9.78
C ALA B 394 3.41 18.06 9.58
N THR B 395 2.96 18.77 8.55
CA THR B 395 3.49 20.12 8.19
C THR B 395 3.26 21.09 9.37
N MET B 396 2.10 21.01 9.99
CA MET B 396 1.62 21.94 11.05
C MET B 396 1.98 21.43 12.45
N GLY B 397 2.50 20.21 12.57
CA GLY B 397 2.72 19.58 13.89
C GLY B 397 1.46 19.60 14.73
N LEU B 398 0.34 19.20 14.16
CA LEU B 398 -0.95 19.20 14.85
C LEU B 398 -1.50 17.78 14.84
N SER B 399 -1.87 17.25 16.00
CA SER B 399 -2.57 15.94 16.12
C SER B 399 -3.96 16.08 15.47
N ASN B 400 -4.68 14.97 15.34
CA ASN B 400 -6.05 14.99 14.76
C ASN B 400 -6.98 15.77 15.68
N THR B 401 -6.77 15.75 17.01
CA THR B 401 -7.68 16.49 17.95
C THR B 401 -7.42 17.98 17.77
N GLU B 402 -6.21 18.43 17.45
CA GLU B 402 -5.96 19.86 17.19
C GLU B 402 -6.50 20.25 15.81
N LEU B 403 -6.25 19.45 14.76
CA LEU B 403 -6.84 19.74 13.42
C LEU B 403 -8.37 19.83 13.57
N ASP B 404 -8.96 18.99 14.43
CA ASP B 404 -10.43 18.95 14.66
C ASP B 404 -11.02 20.35 14.96
N GLU B 405 -10.23 21.24 15.53
CA GLU B 405 -10.67 22.63 15.81
C GLU B 405 -11.03 23.40 14.52
N PHE B 406 -10.46 23.07 13.36
CA PHE B 406 -10.69 23.91 12.16
C PHE B 406 -10.78 23.13 10.85
N TYR B 407 -10.37 21.85 10.83
CA TYR B 407 -10.24 21.06 9.58
C TYR B 407 -10.67 19.63 9.89
N ARG B 408 -11.84 19.24 9.39
CA ARG B 408 -12.24 17.84 9.55
C ARG B 408 -12.42 17.26 8.15
N TYR B 409 -12.02 16.02 7.99
CA TYR B 409 -12.13 15.24 6.71
C TYR B 409 -13.03 14.03 6.95
N PHE B 410 -14.14 13.97 6.19
CA PHE B 410 -15.14 12.88 6.34
C PHE B 410 -15.01 11.90 5.18
N ARG B 411 -14.92 10.64 5.57
CA ARG B 411 -14.86 9.50 4.65
C ARG B 411 -16.29 8.93 4.57
N VAL B 412 -16.90 9.04 3.38
CA VAL B 412 -18.32 8.72 3.11
C VAL B 412 -18.35 7.41 2.31
N SER B 413 -18.58 6.32 3.05
CA SER B 413 -18.68 4.95 2.52
C SER B 413 -19.89 4.87 1.57
N GLY B 414 -19.73 4.17 0.47
CA GLY B 414 -20.80 3.89 -0.50
C GLY B 414 -21.29 5.16 -1.16
N CYS B 415 -20.41 6.16 -1.30
CA CYS B 415 -20.71 7.39 -2.03
C CYS B 415 -19.73 7.47 -3.18
N GLY B 416 -20.23 7.87 -4.34
CA GLY B 416 -19.42 7.94 -5.56
C GLY B 416 -18.83 9.32 -5.72
N HIS B 417 -18.66 9.73 -6.97
CA HIS B 417 -18.00 11.00 -7.34
C HIS B 417 -18.97 12.17 -7.22
N CYS B 418 -18.98 12.87 -6.07
CA CYS B 418 -19.83 14.05 -5.73
C CYS B 418 -21.29 13.66 -5.46
N SER B 419 -21.73 12.49 -5.94
CA SER B 419 -23.12 12.01 -5.79
C SER B 419 -23.15 10.55 -6.21
N GLY B 420 -24.28 9.87 -6.07
CA GLY B 420 -24.33 8.48 -6.54
C GLY B 420 -23.62 7.52 -5.61
N GLY B 421 -23.53 6.27 -6.05
CA GLY B 421 -23.04 5.12 -5.28
C GLY B 421 -24.17 4.41 -4.57
N ILE B 422 -23.91 3.29 -3.90
CA ILE B 422 -24.98 2.32 -3.52
C ILE B 422 -25.17 2.33 -2.01
N GLY B 423 -24.48 3.23 -1.29
CA GLY B 423 -24.57 3.30 0.18
C GLY B 423 -25.47 4.44 0.66
N ALA B 424 -25.32 4.80 1.94
CA ALA B 424 -25.96 5.95 2.58
C ALA B 424 -25.22 7.22 2.13
N ASN B 425 -25.38 7.59 0.87
CA ASN B 425 -24.47 8.51 0.15
C ASN B 425 -24.96 9.96 0.23
N ARG B 426 -26.25 10.20 0.43
CA ARG B 426 -26.83 11.55 0.32
C ARG B 426 -26.52 12.37 1.57
N ILE B 427 -25.49 13.22 1.49
CA ILE B 427 -24.98 14.02 2.64
C ILE B 427 -25.29 15.51 2.44
N GLY B 428 -25.88 15.94 1.32
CA GLY B 428 -26.31 17.34 1.10
C GLY B 428 -25.25 18.26 0.53
N ASN B 429 -24.23 17.73 -0.13
CA ASN B 429 -23.24 18.68 -0.66
C ASN B 429 -23.80 19.40 -1.92
N ASN B 430 -24.82 18.85 -2.55
CA ASN B 430 -25.45 19.44 -3.75
C ASN B 430 -26.83 18.81 -3.90
N ARG B 431 -27.59 19.26 -4.93
CA ARG B 431 -28.98 18.77 -5.10
C ARG B 431 -28.96 17.29 -5.48
N ALA B 432 -28.03 16.87 -6.32
CA ALA B 432 -27.94 15.49 -6.80
C ALA B 432 -27.68 14.56 -5.62
N ASN B 433 -27.08 15.05 -4.54
CA ASN B 433 -26.71 14.21 -3.39
C ASN B 433 -27.44 14.71 -2.15
N LEU B 434 -28.65 15.30 -2.33
CA LEU B 434 -29.40 15.88 -1.21
C LEU B 434 -30.14 14.78 -0.45
N GLY B 435 -29.98 14.77 0.87
CA GLY B 435 -30.72 13.92 1.81
C GLY B 435 -31.61 14.82 2.66
N GLY B 436 -31.35 14.87 3.95
CA GLY B 436 -32.07 15.80 4.86
C GLY B 436 -31.68 17.29 4.71
N LYS B 437 -32.34 18.15 5.49
CA LYS B 437 -32.06 19.61 5.55
C LYS B 437 -31.87 20.06 7.00
N GLU B 438 -31.23 19.22 7.79
CA GLU B 438 -30.71 19.53 9.16
C GLU B 438 -29.16 19.56 9.12
N ALA B 439 -28.53 20.23 10.06
CA ALA B 439 -27.04 20.32 10.12
C ALA B 439 -26.47 18.90 10.22
N LYS B 440 -27.12 17.99 10.95
CA LYS B 440 -26.57 16.64 11.19
C LYS B 440 -26.50 15.84 9.89
N ASN B 441 -27.34 16.11 8.88
CA ASN B 441 -27.43 15.26 7.67
C ASN B 441 -27.30 16.10 6.40
N ASN B 442 -26.88 17.35 6.52
CA ASN B 442 -26.71 18.26 5.38
C ASN B 442 -25.39 19.00 5.59
N VAL B 443 -24.38 18.68 4.77
CA VAL B 443 -23.00 19.14 5.06
C VAL B 443 -22.95 20.66 4.91
N LEU B 444 -23.70 21.29 4.01
CA LEU B 444 -23.66 22.79 3.93
C LEU B 444 -24.22 23.36 5.23
N LEU B 445 -25.30 22.78 5.74
CA LEU B 445 -25.88 23.28 7.01
C LEU B 445 -24.92 22.99 8.19
N ALA B 446 -24.17 21.89 8.17
CA ALA B 446 -23.18 21.50 9.22
C ALA B 446 -22.07 22.55 9.22
N LEU B 447 -21.72 23.07 8.04
CA LEU B 447 -20.66 24.11 7.97
C LEU B 447 -21.15 25.39 8.65
N VAL B 448 -22.38 25.80 8.33
CA VAL B 448 -22.97 27.01 8.93
C VAL B 448 -23.00 26.85 10.45
N LYS B 449 -23.44 25.71 10.94
CA LYS B 449 -23.52 25.45 12.40
C LYS B 449 -22.14 25.52 13.06
N TRP B 450 -21.11 25.02 12.38
CA TRP B 450 -19.73 25.06 12.89
C TRP B 450 -19.31 26.51 12.93
N VAL B 451 -19.51 27.23 11.85
CA VAL B 451 -18.99 28.62 11.74
C VAL B 451 -19.75 29.55 12.70
N GLU B 452 -21.06 29.39 12.82
CA GLU B 452 -21.93 30.44 13.44
C GLU B 452 -22.27 30.02 14.87
N GLU B 453 -22.45 28.76 15.17
CA GLU B 453 -22.82 28.29 16.52
C GLU B 453 -21.60 27.68 17.23
N GLY B 454 -20.43 27.57 16.58
CA GLY B 454 -19.19 26.99 17.13
C GLY B 454 -19.35 25.51 17.45
N GLN B 455 -20.23 24.81 16.77
CA GLN B 455 -20.49 23.36 17.06
C GLN B 455 -20.06 22.53 15.83
N ALA B 456 -18.90 21.88 15.93
CA ALA B 456 -18.29 21.15 14.81
C ALA B 456 -19.06 19.86 14.53
N PRO B 457 -19.03 19.36 13.27
CA PRO B 457 -19.65 18.07 12.96
C PRO B 457 -18.75 16.94 13.49
N GLU B 458 -19.29 16.07 14.36
CA GLU B 458 -18.58 14.87 14.88
C GLU B 458 -18.52 13.85 13.74
N THR B 459 -19.65 13.71 13.06
CA THR B 459 -19.94 12.86 11.88
C THR B 459 -20.70 13.71 10.86
N ILE B 460 -20.88 13.20 9.64
CA ILE B 460 -21.87 13.73 8.67
C ILE B 460 -22.80 12.59 8.28
N THR B 461 -24.11 12.76 8.44
CA THR B 461 -25.09 11.66 8.15
C THR B 461 -25.36 11.67 6.65
N GLY B 462 -25.29 10.48 6.04
CA GLY B 462 -25.78 10.20 4.69
C GLY B 462 -26.96 9.23 4.74
N VAL B 463 -27.83 9.32 3.75
CA VAL B 463 -29.01 8.41 3.61
C VAL B 463 -29.07 7.87 2.19
N ARG B 464 -29.73 6.72 2.10
CA ARG B 464 -30.25 6.16 0.87
C ARG B 464 -31.74 5.98 1.10
N TYR B 465 -32.54 6.40 0.13
CA TYR B 465 -34.01 6.20 0.14
C TYR B 465 -34.34 4.83 -0.46
N VAL B 466 -35.55 4.33 -0.17
CA VAL B 466 -36.04 3.03 -0.73
C VAL B 466 -35.84 3.04 -2.24
N ASN B 467 -35.37 1.92 -2.80
CA ASN B 467 -35.08 1.72 -4.26
C ASN B 467 -33.99 2.67 -4.76
N GLY B 468 -33.25 3.34 -3.87
CA GLY B 468 -32.25 4.34 -4.25
C GLY B 468 -32.87 5.50 -5.00
N ALA B 469 -34.11 5.86 -4.66
CA ALA B 469 -34.82 6.99 -5.30
C ALA B 469 -34.27 8.32 -4.75
N THR B 470 -34.69 9.44 -5.35
CA THR B 470 -34.24 10.82 -5.04
CA THR B 470 -34.21 10.81 -5.01
C THR B 470 -34.87 11.26 -3.71
N THR B 471 -36.02 10.71 -3.36
CA THR B 471 -36.67 11.05 -2.06
CA THR B 471 -36.83 11.11 -2.18
C THR B 471 -37.49 9.87 -1.58
N GLY B 472 -38.18 10.02 -0.45
CA GLY B 472 -39.02 8.93 0.08
C GLY B 472 -38.61 8.48 1.47
N LYS B 473 -38.97 7.24 1.81
CA LYS B 473 -38.61 6.69 3.12
C LYS B 473 -37.10 6.34 3.12
N VAL B 474 -36.45 6.54 4.26
CA VAL B 474 -35.01 6.22 4.45
C VAL B 474 -34.90 4.69 4.53
N GLU B 475 -34.07 4.09 3.66
CA GLU B 475 -33.78 2.63 3.66
C GLU B 475 -32.49 2.37 4.47
N VAL B 476 -31.50 3.28 4.36
CA VAL B 476 -30.15 3.17 4.96
C VAL B 476 -29.74 4.55 5.44
N GLU B 477 -29.30 4.64 6.68
CA GLU B 477 -28.75 5.91 7.22
C GLU B 477 -27.46 5.59 7.96
N ARG B 478 -26.43 6.43 7.77
CA ARG B 478 -25.10 6.15 8.39
C ARG B 478 -24.42 7.44 8.78
N ARG B 479 -23.93 7.52 10.03
CA ARG B 479 -23.13 8.67 10.47
C ARG B 479 -21.69 8.40 9.98
N HIS B 480 -21.28 9.04 8.90
CA HIS B 480 -19.92 8.82 8.33
C HIS B 480 -18.87 9.48 9.22
N CYS B 481 -17.74 8.79 9.42
CA CYS B 481 -16.69 9.21 10.39
C CYS B 481 -15.71 10.21 9.81
N ARG B 482 -15.20 11.07 10.68
CA ARG B 482 -14.07 11.95 10.35
C ARG B 482 -12.78 11.16 10.49
N TYR B 483 -11.88 11.46 9.61
CA TYR B 483 -10.56 10.81 9.62
C TYR B 483 -9.83 11.26 10.88
N PRO B 484 -9.06 10.38 11.57
CA PRO B 484 -8.80 8.99 11.14
C PRO B 484 -9.69 7.92 11.80
N TYR B 485 -10.90 8.27 12.21
CA TYR B 485 -11.84 7.26 12.80
C TYR B 485 -12.24 6.27 11.69
N ARG B 486 -12.56 5.05 12.09
CA ARG B 486 -13.10 3.98 11.21
C ARG B 486 -14.53 3.68 11.66
N ASN B 487 -15.46 3.48 10.72
CA ASN B 487 -16.85 3.11 11.08
C ASN B 487 -16.89 1.61 11.29
N VAL B 488 -17.27 1.20 12.50
CA VAL B 488 -17.30 -0.22 12.92
C VAL B 488 -18.73 -0.66 13.25
N TRP B 489 -19.20 -1.70 12.57
CA TRP B 489 -20.49 -2.37 12.85
C TRP B 489 -20.43 -3.07 14.21
N ASP B 490 -21.46 -2.94 15.04
CA ASP B 490 -21.49 -3.54 16.39
C ASP B 490 -21.73 -5.05 16.34
N ARG B 491 -22.06 -5.62 15.17
CA ARG B 491 -22.24 -7.09 14.96
C ARG B 491 -23.58 -7.57 15.50
N LYS B 492 -24.49 -6.68 15.88
CA LYS B 492 -25.77 -7.03 16.54
C LYS B 492 -26.94 -6.40 15.79
N GLY B 493 -26.89 -5.08 15.59
CA GLY B 493 -28.03 -4.31 15.09
C GLY B 493 -28.15 -4.44 13.58
N ASN B 494 -29.32 -4.12 13.09
CA ASN B 494 -29.59 -3.92 11.65
C ASN B 494 -28.52 -2.97 11.08
N TYR B 495 -27.73 -3.42 10.11
CA TYR B 495 -26.63 -2.61 9.52
C TYR B 495 -27.22 -1.34 8.88
N LYS B 496 -28.53 -1.29 8.55
CA LYS B 496 -29.12 -0.11 7.84
C LYS B 496 -29.46 1.02 8.80
N ASN B 497 -29.44 0.71 10.10
CA ASN B 497 -29.74 1.63 11.22
C ASN B 497 -28.45 2.30 11.65
N PRO B 498 -28.34 3.64 11.70
CA PRO B 498 -27.06 4.27 12.05
C PRO B 498 -26.56 3.96 13.47
N ASP B 499 -27.46 3.61 14.40
CA ASP B 499 -27.12 3.26 15.81
C ASP B 499 -26.39 1.91 15.95
N SER B 500 -26.34 1.08 14.91
CA SER B 500 -25.62 -0.21 14.85
C SER B 500 -24.13 0.00 14.53
N TRP B 501 -23.72 1.22 14.23
CA TRP B 501 -22.31 1.57 13.91
C TRP B 501 -21.75 2.58 14.93
N LYS B 502 -20.42 2.66 15.04
CA LYS B 502 -19.71 3.56 15.96
C LYS B 502 -18.41 3.95 15.26
N CYS B 503 -18.11 5.24 15.20
CA CYS B 503 -16.81 5.78 14.75
C CYS B 503 -15.75 5.41 15.81
N GLU B 504 -14.69 4.68 15.44
CA GLU B 504 -13.68 4.16 16.40
C GLU B 504 -12.31 4.70 16.05
N LEU B 505 -11.56 5.07 17.09
CA LEU B 505 -10.16 5.51 16.99
C LEU B 505 -9.51 4.98 18.27
N PRO B 506 -8.99 3.73 18.25
CA PRO B 506 -8.41 3.09 19.42
C PRO B 506 -7.20 3.89 19.90
N LEU B 507 -7.08 4.13 21.20
CA LEU B 507 -5.93 4.86 21.78
C LEU B 507 -5.04 3.94 22.65
N GLU B 508 -5.49 2.75 23.05
CA GLU B 508 -4.65 1.84 23.89
C GLU B 508 -4.61 0.43 23.30
#